data_4JJY
#
_entry.id   4JJY
#
_cell.length_a   223.770
_cell.length_b   223.770
_cell.length_c   223.770
_cell.angle_alpha   90.00
_cell.angle_beta   90.00
_cell.angle_gamma   90.00
#
_symmetry.space_group_name_H-M   'I 2 3'
#
_entity_poly.entity_id   1
_entity_poly.type   'polypeptide(L)'
_entity_poly.pdbx_seq_one_letter_code
;IDPFTFEK(MSE)VPVSVQQSLAAYNQRKADLVNRSIAQ(MSE)REATTLANGVLASLNLPAAIEDVSGDTVPQSILTKS
RSVIEQGGIQTVDQLIKELPELLQRNREILDESLRLLDEEEATDNDLRAKFKERWQRTPSNELYKPLRAEGTNFRTVLDK
AVQADGQVKECYQSHRDTIVLLCKPEPELNAAIPSANPAKT(MSE)QGSEVVNVLKSLLSNLDEVKKEREGLENDLKSVN
FD(MSE)TSKFLTALAQDGVINEEALSVTELDRVYGGLTTKVQESLKKQEGLLKNIQVSHQEFSK(MSE)KQSNNEANLR
EEVLKNLATAYDNFVELVANLKEGTKFYNELTEILVRFQNKCSDIVFARKTERRDELLKD
;
_entity_poly.pdbx_strand_id   A,B
#
# COMPACT_ATOMS: atom_id res chain seq x y z
N VAL A 12 -48.67 -30.70 55.15
CA VAL A 12 -47.36 -31.33 55.28
C VAL A 12 -47.32 -32.66 54.54
N SER A 13 -46.60 -32.70 53.42
CA SER A 13 -46.50 -33.91 52.61
C SER A 13 -45.25 -34.72 52.93
N VAL A 14 -44.96 -35.71 52.09
CA VAL A 14 -43.83 -36.60 52.28
C VAL A 14 -42.48 -35.87 52.20
N GLN A 15 -42.35 -34.96 51.25
CA GLN A 15 -41.11 -34.20 51.07
C GLN A 15 -41.39 -32.71 50.83
N GLN A 16 -40.81 -31.85 51.65
CA GLN A 16 -41.05 -30.41 51.52
C GLN A 16 -39.90 -29.53 52.01
N SER A 17 -38.69 -30.07 52.06
CA SER A 17 -37.54 -29.30 52.52
C SER A 17 -36.23 -29.94 52.07
N LEU A 18 -36.20 -30.42 50.83
CA LEU A 18 -35.02 -31.08 50.29
C LEU A 18 -34.18 -30.10 49.47
N ALA A 19 -34.79 -29.57 48.41
CA ALA A 19 -34.10 -28.64 47.52
C ALA A 19 -33.86 -27.28 48.19
N ALA A 20 -34.54 -27.05 49.30
CA ALA A 20 -34.41 -25.80 50.04
C ALA A 20 -32.98 -25.53 50.49
N TYR A 21 -32.27 -26.59 50.87
CA TYR A 21 -30.90 -26.44 51.34
C TYR A 21 -29.92 -26.33 50.17
N ASN A 22 -30.14 -27.14 49.13
CA ASN A 22 -29.23 -27.21 48.00
C ASN A 22 -29.10 -25.88 47.26
N GLN A 23 -30.20 -25.14 47.20
CA GLN A 23 -30.19 -23.81 46.57
C GLN A 23 -29.29 -22.87 47.35
N ARG A 24 -29.32 -23.00 48.68
CA ARG A 24 -28.45 -22.20 49.55
C ARG A 24 -27.00 -22.66 49.45
N LYS A 25 -26.82 -23.95 49.23
CA LYS A 25 -25.48 -24.52 49.06
C LYS A 25 -24.81 -23.90 47.84
N ALA A 26 -25.59 -23.71 46.78
CA ALA A 26 -25.10 -23.06 45.57
C ALA A 26 -24.79 -21.59 45.84
N ASP A 27 -25.62 -20.95 46.65
CA ASP A 27 -25.42 -19.55 47.03
C ASP A 27 -24.43 -19.42 48.18
N LEU A 28 -23.22 -19.94 47.97
CA LEU A 28 -22.20 -19.96 49.02
C LEU A 28 -20.85 -20.32 48.42
N VAL A 29 -20.80 -21.50 47.80
CA VAL A 29 -19.57 -21.99 47.18
C VAL A 29 -19.16 -21.10 46.01
N ASN A 30 -20.13 -20.76 45.17
CA ASN A 30 -19.90 -19.88 44.03
C ASN A 30 -19.46 -18.47 44.46
N ARG A 31 -19.97 -18.03 45.61
CA ARG A 31 -19.62 -16.72 46.16
C ARG A 31 -18.14 -16.66 46.49
N SER A 32 -17.59 -17.77 46.98
CA SER A 32 -16.18 -17.83 47.36
C SER A 32 -15.29 -17.86 46.13
N ILE A 33 -15.72 -18.56 45.09
CA ILE A 33 -14.96 -18.66 43.84
C ILE A 33 -14.74 -17.28 43.22
N ALA A 34 -15.77 -16.44 43.28
CA ALA A 34 -15.67 -15.07 42.79
C ALA A 34 -14.63 -14.27 43.58
N GLN A 35 -14.62 -14.46 44.90
CA GLN A 35 -13.66 -13.79 45.77
C GLN A 35 -12.39 -14.62 45.92
N ARG A 37 -10.75 -16.13 42.40
CA ARG A 37 -10.16 -16.01 41.07
C ARG A 37 -9.91 -14.55 40.72
N GLU A 38 -10.77 -13.66 41.22
CA GLU A 38 -10.61 -12.23 41.00
C GLU A 38 -9.33 -11.70 41.62
N ALA A 39 -8.99 -12.21 42.80
CA ALA A 39 -7.76 -11.83 43.48
C ALA A 39 -6.52 -12.32 42.74
N THR A 40 -6.65 -13.48 42.09
CA THR A 40 -5.53 -14.08 41.37
C THR A 40 -5.08 -13.23 40.18
N THR A 41 -6.04 -12.76 39.40
CA THR A 41 -5.76 -11.94 38.22
C THR A 41 -5.20 -10.57 38.64
N LEU A 42 -5.68 -10.06 39.76
CA LEU A 42 -5.25 -8.77 40.28
C LEU A 42 -3.74 -8.73 40.55
N ALA A 43 -3.19 -9.86 40.97
CA ALA A 43 -1.77 -9.94 41.29
C ALA A 43 -0.92 -9.88 40.02
N ASN A 44 -1.32 -10.63 39.00
CA ASN A 44 -0.57 -10.68 37.74
C ASN A 44 -0.47 -9.32 37.05
N GLY A 45 -1.53 -8.53 37.18
CA GLY A 45 -1.60 -7.24 36.52
C GLY A 45 -0.60 -6.24 37.06
N VAL A 46 -0.31 -6.34 38.35
CA VAL A 46 0.62 -5.42 39.00
C VAL A 46 2.06 -5.77 38.61
N LEU A 47 2.36 -7.07 38.55
CA LEU A 47 3.68 -7.56 38.18
C LEU A 47 4.11 -7.06 36.81
N ALA A 48 3.19 -7.15 35.85
CA ALA A 48 3.48 -6.72 34.48
C ALA A 48 3.68 -5.22 34.39
N SER A 49 3.01 -4.49 35.28
CA SER A 49 3.12 -3.04 35.31
C SER A 49 4.49 -2.59 35.83
N LEU A 50 5.01 -3.33 36.80
CA LEU A 50 6.29 -2.98 37.42
C LEU A 50 7.44 -3.89 36.98
N ASN A 51 7.34 -4.44 35.78
CA ASN A 51 8.37 -5.28 35.19
C ASN A 51 8.75 -6.47 36.09
N LEU A 52 7.78 -7.36 36.31
CA LEU A 52 7.99 -8.52 37.17
C LEU A 52 7.29 -9.74 36.57
N PRO A 53 7.75 -10.96 36.92
CA PRO A 53 8.87 -11.29 37.81
C PRO A 53 10.21 -11.31 37.09
N ALA A 54 10.23 -10.87 35.84
CA ALA A 54 11.45 -10.88 35.04
C ALA A 54 12.31 -9.66 35.34
N ALA A 55 12.88 -9.62 36.55
CA ALA A 55 13.77 -8.54 36.93
C ALA A 55 14.86 -9.01 37.89
N ILE A 56 15.06 -10.33 37.94
CA ILE A 56 16.09 -10.92 38.78
C ILE A 56 16.77 -12.07 38.05
N GLU A 57 16.94 -11.92 36.75
CA GLU A 57 17.53 -12.98 35.92
C GLU A 57 18.65 -12.44 35.03
N ASP A 58 18.35 -11.42 34.24
CA ASP A 58 19.34 -10.85 33.31
C ASP A 58 20.40 -10.04 34.05
N VAL A 59 21.66 -10.39 33.81
CA VAL A 59 22.79 -9.64 34.37
C VAL A 59 24.03 -9.82 33.49
N SER A 60 24.47 -8.72 32.88
CA SER A 60 25.61 -8.76 31.97
C SER A 60 26.24 -7.37 31.82
N GLY A 61 25.48 -6.44 31.25
CA GLY A 61 25.95 -5.08 31.08
C GLY A 61 26.60 -4.85 29.74
N ASP A 62 27.49 -5.77 29.35
CA ASP A 62 28.24 -5.63 28.12
C ASP A 62 27.35 -5.87 26.89
N THR A 63 26.64 -6.98 26.88
CA THR A 63 25.78 -7.33 25.75
C THR A 63 24.57 -6.41 25.64
N VAL A 64 23.92 -6.43 24.49
CA VAL A 64 22.75 -5.60 24.25
C VAL A 64 21.47 -6.34 24.67
N PRO A 65 20.43 -5.60 25.07
CA PRO A 65 19.16 -6.22 25.48
C PRO A 65 18.49 -6.98 24.34
N GLN A 66 17.56 -7.86 24.68
CA GLN A 66 16.87 -8.69 23.69
C GLN A 66 15.70 -7.95 23.06
N SER A 67 14.94 -7.24 23.89
CA SER A 67 13.80 -6.47 23.41
C SER A 67 14.25 -5.34 22.49
N ILE A 68 15.39 -4.75 22.82
CA ILE A 68 15.96 -3.67 22.03
C ILE A 68 16.46 -4.20 20.69
N LEU A 69 17.11 -5.36 20.73
CA LEU A 69 17.66 -5.99 19.53
C LEU A 69 16.55 -6.32 18.54
N THR A 70 15.38 -6.68 19.06
CA THR A 70 14.24 -7.01 18.22
C THR A 70 13.68 -5.76 17.53
N LYS A 71 13.60 -4.67 18.28
CA LYS A 71 13.08 -3.41 17.75
C LYS A 71 14.02 -2.81 16.70
N SER A 72 15.32 -3.00 16.89
CA SER A 72 16.32 -2.47 15.98
C SER A 72 16.24 -3.11 14.60
N ARG A 73 16.07 -4.42 14.57
CA ARG A 73 15.99 -5.17 13.31
C ARG A 73 14.66 -4.90 12.60
N SER A 74 13.65 -4.50 13.36
CA SER A 74 12.34 -4.19 12.79
C SER A 74 12.41 -2.95 11.90
N VAL A 75 13.22 -1.98 12.32
CA VAL A 75 13.42 -0.75 11.54
C VAL A 75 14.31 -1.05 10.33
N ILE A 76 15.30 -1.89 10.53
CA ILE A 76 16.21 -2.29 9.45
C ILE A 76 15.45 -3.10 8.39
N GLU A 77 14.51 -3.93 8.84
CA GLU A 77 13.68 -4.73 7.94
C GLU A 77 12.83 -3.83 7.05
N GLN A 78 12.30 -2.75 7.63
CA GLN A 78 11.49 -1.79 6.89
C GLN A 78 12.36 -0.63 6.41
N GLY A 79 13.43 -0.94 5.70
CA GLY A 79 14.36 0.06 5.21
C GLY A 79 15.19 0.70 6.29
N GLY A 80 14.99 1.99 6.50
CA GLY A 80 15.74 2.72 7.50
C GLY A 80 15.60 4.22 7.32
N ILE A 81 16.74 4.92 7.36
CA ILE A 81 16.75 6.37 7.20
C ILE A 81 16.47 6.79 5.75
N GLN A 82 16.80 5.91 4.80
CA GLN A 82 16.60 6.20 3.38
C GLN A 82 15.12 6.27 3.00
N THR A 83 14.32 5.38 3.59
CA THR A 83 12.88 5.33 3.31
C THR A 83 12.19 6.59 3.81
N VAL A 84 12.70 7.15 4.90
CA VAL A 84 12.10 8.33 5.51
C VAL A 84 12.48 9.61 4.76
N ASP A 85 13.76 9.74 4.45
CA ASP A 85 14.29 10.94 3.80
C ASP A 85 13.65 11.21 2.44
N GLN A 86 13.38 10.15 1.69
CA GLN A 86 12.79 10.29 0.35
C GLN A 86 11.34 10.77 0.43
N LEU A 87 10.68 10.51 1.55
CA LEU A 87 9.31 10.96 1.75
C LEU A 87 9.26 12.43 2.14
N ILE A 88 10.26 12.88 2.89
CA ILE A 88 10.32 14.26 3.34
C ILE A 88 10.69 15.19 2.20
N LYS A 89 11.63 14.75 1.36
CA LYS A 89 12.14 15.56 0.27
C LYS A 89 11.09 15.78 -0.82
N GLU A 90 10.18 14.83 -0.96
CA GLU A 90 9.17 14.91 -2.01
C GLU A 90 7.89 15.62 -1.57
N LEU A 91 7.82 15.97 -0.28
CA LEU A 91 6.66 16.69 0.25
C LEU A 91 6.49 18.08 -0.36
N PRO A 92 7.56 18.90 -0.41
CA PRO A 92 7.37 20.19 -1.08
C PRO A 92 7.07 20.06 -2.56
N GLU A 93 7.56 18.98 -3.19
CA GLU A 93 7.33 18.76 -4.62
C GLU A 93 5.85 18.52 -4.91
N LEU A 94 5.24 17.61 -4.15
CA LEU A 94 3.83 17.29 -4.33
C LEU A 94 2.90 18.41 -3.81
N LEU A 95 3.33 19.07 -2.73
CA LEU A 95 2.54 20.15 -2.15
C LEU A 95 2.46 21.35 -3.10
N GLN A 96 3.59 21.67 -3.73
CA GLN A 96 3.66 22.79 -4.67
C GLN A 96 2.92 22.45 -5.97
N ARG A 97 2.98 21.19 -6.37
CA ARG A 97 2.32 20.73 -7.60
C ARG A 97 0.82 20.97 -7.52
N ASN A 98 0.24 20.73 -6.34
CA ASN A 98 -1.19 20.98 -6.12
C ASN A 98 -1.49 22.46 -6.03
N ARG A 99 -0.54 23.24 -5.53
CA ARG A 99 -0.71 24.68 -5.34
C ARG A 99 -0.79 25.42 -6.67
N GLU A 100 0.00 25.00 -7.64
CA GLU A 100 0.00 25.62 -8.97
C GLU A 100 -1.30 25.35 -9.71
N ILE A 101 -1.86 24.15 -9.51
CA ILE A 101 -3.14 23.79 -10.10
C ILE A 101 -4.26 24.61 -9.46
N LEU A 102 -4.11 24.87 -8.15
CA LEU A 102 -5.07 25.68 -7.41
C LEU A 102 -5.15 27.10 -7.93
N ASP A 103 -3.97 27.72 -8.11
CA ASP A 103 -3.90 29.09 -8.61
C ASP A 103 -4.40 29.21 -10.04
N GLU A 104 -4.18 28.16 -10.82
CA GLU A 104 -4.63 28.12 -12.21
C GLU A 104 -6.15 27.97 -12.29
N SER A 105 -6.71 27.21 -11.36
CA SER A 105 -8.16 27.00 -11.29
C SER A 105 -8.87 28.31 -10.93
N LEU A 106 -8.29 29.05 -9.99
CA LEU A 106 -8.86 30.31 -9.55
C LEU A 106 -8.71 31.39 -10.61
N ARG A 107 -7.66 31.27 -11.41
CA ARG A 107 -7.40 32.22 -12.49
C ARG A 107 -8.52 32.18 -13.54
N LEU A 108 -9.11 31.00 -13.71
CA LEU A 108 -10.22 30.82 -14.65
C LEU A 108 -11.42 31.67 -14.26
N LEU A 109 -11.65 31.82 -12.96
CA LEU A 109 -12.74 32.64 -12.46
C LEU A 109 -12.44 34.12 -12.69
N ASP A 110 -11.18 34.49 -12.48
CA ASP A 110 -10.74 35.87 -12.70
C ASP A 110 -10.68 36.16 -14.20
N GLU A 111 -10.52 35.10 -14.99
CA GLU A 111 -10.43 35.23 -16.44
C GLU A 111 -11.72 35.78 -17.05
N GLU A 112 -12.83 35.13 -16.76
CA GLU A 112 -14.13 35.54 -17.28
C GLU A 112 -14.54 36.88 -16.69
N GLU A 113 -14.21 37.09 -15.42
CA GLU A 113 -14.56 38.33 -14.73
C GLU A 113 -13.79 39.53 -15.30
N ALA A 114 -12.53 39.31 -15.64
CA ALA A 114 -11.70 40.37 -16.20
C ALA A 114 -12.23 40.84 -17.55
N THR A 115 -12.74 39.91 -18.35
CA THR A 115 -13.28 40.24 -19.66
C THR A 115 -14.71 40.79 -19.56
N ASP A 116 -15.50 40.21 -18.66
CA ASP A 116 -16.89 40.61 -18.49
C ASP A 116 -17.03 42.01 -17.91
N ASN A 117 -16.19 42.33 -16.93
CA ASN A 117 -16.20 43.65 -16.30
C ASN A 117 -15.86 44.77 -17.29
N ASP A 118 -14.91 44.50 -18.17
CA ASP A 118 -14.52 45.47 -19.20
C ASP A 118 -15.56 45.52 -20.31
N LEU A 119 -16.23 44.40 -20.54
CA LEU A 119 -17.25 44.30 -21.58
C LEU A 119 -18.53 45.06 -21.23
N ARG A 120 -18.93 44.97 -19.97
CA ARG A 120 -20.15 45.65 -19.51
C ARG A 120 -20.00 47.17 -19.51
N ALA A 121 -18.78 47.65 -19.27
CA ALA A 121 -18.51 49.08 -19.24
C ALA A 121 -18.64 49.71 -20.63
N LYS A 122 -18.05 49.06 -21.63
CA LYS A 122 -18.08 49.56 -22.99
C LYS A 122 -19.41 49.27 -23.67
N PHE A 123 -19.77 47.98 -23.72
CA PHE A 123 -21.05 47.57 -24.28
C PHE A 123 -22.11 47.54 -23.17
N LYS A 124 -23.01 48.52 -23.19
CA LYS A 124 -23.97 48.70 -22.11
C LYS A 124 -25.09 47.65 -22.14
N GLU A 125 -25.32 47.07 -23.31
CA GLU A 125 -26.41 46.10 -23.47
C GLU A 125 -26.01 44.72 -22.95
N ARG A 126 -25.73 44.65 -21.66
CA ARG A 126 -25.39 43.39 -20.99
C ARG A 126 -25.87 43.42 -19.54
N TRP A 127 -27.15 43.74 -19.34
CA TRP A 127 -27.71 43.82 -18.00
C TRP A 127 -29.01 43.03 -17.89
N GLN A 128 -29.21 42.07 -18.80
CA GLN A 128 -30.39 41.24 -18.80
C GLN A 128 -30.04 39.79 -18.49
N ARG A 129 -28.89 39.59 -17.86
CA ARG A 129 -28.41 38.26 -17.52
C ARG A 129 -27.56 38.30 -16.25
N THR A 130 -27.31 37.14 -15.67
CA THR A 130 -26.52 37.05 -14.45
C THR A 130 -25.06 37.42 -14.71
N PRO A 131 -24.57 38.47 -14.03
CA PRO A 131 -23.20 38.97 -14.20
C PRO A 131 -22.16 37.90 -13.86
N SER A 132 -20.99 38.00 -14.48
CA SER A 132 -19.92 37.02 -14.24
C SER A 132 -19.26 37.28 -12.89
N ASN A 133 -20.02 37.05 -11.82
CA ASN A 133 -19.53 37.25 -10.46
C ASN A 133 -20.35 36.45 -9.46
N GLU A 134 -21.67 36.64 -9.49
CA GLU A 134 -22.57 35.93 -8.60
C GLU A 134 -22.61 34.44 -8.90
N LEU A 135 -22.50 34.09 -10.18
CA LEU A 135 -22.44 32.69 -10.60
C LEU A 135 -21.13 32.07 -10.15
N TYR A 136 -20.07 32.87 -10.16
CA TYR A 136 -18.75 32.41 -9.75
C TYR A 136 -18.53 32.62 -8.26
N LYS A 137 -19.56 33.08 -7.56
CA LYS A 137 -19.47 33.37 -6.13
C LYS A 137 -19.38 32.12 -5.24
N PRO A 138 -20.23 31.10 -5.48
CA PRO A 138 -20.08 29.89 -4.66
C PRO A 138 -18.75 29.16 -4.91
N LEU A 139 -18.22 29.27 -6.12
CA LEU A 139 -16.97 28.60 -6.47
C LEU A 139 -15.77 29.25 -5.78
N ARG A 140 -15.78 30.57 -5.69
CA ARG A 140 -14.71 31.30 -5.01
C ARG A 140 -14.72 31.01 -3.51
N ALA A 141 -15.89 30.66 -2.98
CA ALA A 141 -16.02 30.31 -1.57
C ALA A 141 -15.23 29.05 -1.24
N GLU A 142 -15.22 28.09 -2.16
CA GLU A 142 -14.46 26.86 -1.97
C GLU A 142 -12.96 27.13 -2.04
N GLY A 143 -12.58 28.09 -2.86
CA GLY A 143 -11.18 28.44 -3.06
C GLY A 143 -10.48 28.94 -1.81
N THR A 144 -11.17 29.76 -1.04
CA THR A 144 -10.61 30.31 0.19
C THR A 144 -10.38 29.22 1.22
N ASN A 145 -11.25 28.22 1.22
CA ASN A 145 -11.15 27.09 2.13
C ASN A 145 -9.88 26.27 1.91
N PHE A 146 -9.46 26.19 0.65
CA PHE A 146 -8.30 25.37 0.28
C PHE A 146 -6.99 25.91 0.82
N ARG A 147 -6.81 27.23 0.75
CA ARG A 147 -5.60 27.87 1.25
C ARG A 147 -5.47 27.75 2.77
N THR A 148 -6.62 27.78 3.46
CA THR A 148 -6.63 27.62 4.91
C THR A 148 -6.07 26.27 5.30
N VAL A 149 -6.33 25.26 4.46
CA VAL A 149 -5.81 23.92 4.69
C VAL A 149 -4.30 23.89 4.45
N LEU A 150 -3.86 24.58 3.41
CA LEU A 150 -2.44 24.66 3.08
C LEU A 150 -1.64 25.27 4.21
N ASP A 151 -2.23 26.25 4.90
CA ASP A 151 -1.60 26.85 6.05
C ASP A 151 -1.45 25.83 7.17
N LYS A 152 -2.48 25.00 7.34
CA LYS A 152 -2.44 23.92 8.32
C LYS A 152 -1.59 22.75 7.81
N ALA A 153 -1.56 22.58 6.50
CA ALA A 153 -0.77 21.51 5.88
C ALA A 153 0.73 21.80 6.03
N VAL A 154 1.10 23.06 5.79
CA VAL A 154 2.48 23.49 5.95
C VAL A 154 2.87 23.52 7.43
N GLN A 155 1.96 24.02 8.27
CA GLN A 155 2.20 24.08 9.71
C GLN A 155 2.42 22.68 10.27
N ALA A 156 1.64 21.72 9.78
CA ALA A 156 1.80 20.33 10.18
C ALA A 156 3.09 19.77 9.58
N ASP A 157 3.42 20.22 8.38
CA ASP A 157 4.62 19.79 7.69
C ASP A 157 5.87 20.31 8.41
N GLY A 158 5.77 21.51 8.96
CA GLY A 158 6.89 22.15 9.62
C GLY A 158 7.21 21.60 10.99
N GLN A 159 6.19 21.42 11.81
CA GLN A 159 6.39 20.94 13.18
C GLN A 159 6.85 19.48 13.23
N VAL A 160 6.43 18.68 12.26
CA VAL A 160 6.79 17.28 12.22
C VAL A 160 8.21 17.11 11.68
N LYS A 161 8.63 18.06 10.86
CA LYS A 161 9.98 18.06 10.31
C LYS A 161 10.95 18.47 11.41
N GLU A 162 10.51 19.40 12.25
CA GLU A 162 11.30 19.86 13.38
C GLU A 162 11.50 18.74 14.40
N CYS A 163 10.44 17.97 14.64
CA CYS A 163 10.49 16.83 15.55
C CYS A 163 11.36 15.72 14.98
N TYR A 164 11.42 15.64 13.66
CA TYR A 164 12.24 14.65 12.96
C TYR A 164 13.74 14.93 13.09
N GLN A 165 14.13 16.19 12.89
CA GLN A 165 15.54 16.57 12.92
C GLN A 165 16.14 16.49 14.32
N SER A 166 15.34 16.81 15.32
CA SER A 166 15.80 16.77 16.71
C SER A 166 16.15 15.35 17.13
N HIS A 167 15.43 14.38 16.58
CA HIS A 167 15.70 12.98 16.86
C HIS A 167 16.19 12.27 15.61
N ARG A 168 16.93 12.99 14.78
CA ARG A 168 17.46 12.42 13.54
C ARG A 168 18.63 11.50 13.82
N ASP A 169 19.49 11.94 14.73
CA ASP A 169 20.67 11.17 15.10
C ASP A 169 20.26 9.83 15.72
N THR A 170 19.17 9.86 16.48
CA THR A 170 18.67 8.66 17.14
C THR A 170 18.10 7.66 16.14
N ILE A 171 17.51 8.18 15.06
CA ILE A 171 16.98 7.33 13.99
C ILE A 171 18.11 6.67 13.23
N VAL A 172 19.14 7.45 12.93
CA VAL A 172 20.31 6.96 12.22
C VAL A 172 21.00 5.89 13.07
N LEU A 173 20.93 6.07 14.39
CA LEU A 173 21.52 5.15 15.35
C LEU A 173 20.94 3.74 15.22
N LEU A 174 19.66 3.66 14.85
CA LEU A 174 18.97 2.39 14.73
C LEU A 174 19.59 1.47 13.68
N CYS A 175 20.12 2.05 12.62
CA CYS A 175 20.77 1.26 11.57
C CYS A 175 22.17 0.86 11.98
N LYS A 176 23.03 0.61 10.98
CA LYS A 176 24.43 0.20 11.21
C LYS A 176 24.52 -1.20 11.84
N PRO A 177 25.67 -1.88 11.68
CA PRO A 177 25.86 -3.21 12.27
C PRO A 177 25.75 -3.23 13.79
N GLU A 178 25.58 -4.43 14.35
CA GLU A 178 25.41 -4.62 15.79
C GLU A 178 26.66 -4.39 16.65
N PRO A 179 27.84 -4.87 16.20
CA PRO A 179 29.05 -4.60 17.01
C PRO A 179 29.34 -3.10 17.19
N GLU A 180 29.13 -2.31 16.13
CA GLU A 180 29.35 -0.88 16.22
C GLU A 180 28.34 -0.26 17.18
N LEU A 181 27.13 -0.82 17.18
CA LEU A 181 26.07 -0.38 18.07
C LEU A 181 26.36 -0.75 19.53
N ASN A 182 26.98 -1.90 19.73
CA ASN A 182 27.29 -2.38 21.06
C ASN A 182 28.31 -1.50 21.78
N ALA A 183 29.21 -0.90 21.01
CA ALA A 183 30.23 0.00 21.55
C ALA A 183 29.58 1.24 22.16
N ALA A 184 28.42 1.63 21.63
CA ALA A 184 27.69 2.78 22.14
C ALA A 184 27.12 2.49 23.53
N ILE A 185 26.74 1.25 23.78
CA ILE A 185 26.20 0.83 25.07
C ILE A 185 27.28 0.92 26.14
N PRO A 186 26.98 1.56 27.28
CA PRO A 186 27.95 1.73 28.37
C PRO A 186 28.48 0.39 28.87
N SER A 187 29.71 0.06 28.50
CA SER A 187 30.29 -1.21 28.92
C SER A 187 30.80 -1.14 30.35
N ALA A 188 29.94 -1.50 31.29
CA ALA A 188 30.29 -1.54 32.70
C ALA A 188 29.24 -2.35 33.44
N ASN A 189 29.52 -2.68 34.69
CA ASN A 189 28.51 -3.35 35.52
C ASN A 189 27.30 -2.44 35.73
N PRO A 190 26.10 -2.97 35.44
CA PRO A 190 24.82 -2.25 35.53
C PRO A 190 24.66 -1.54 36.87
N ALA A 191 24.91 -2.27 37.95
CA ALA A 191 24.83 -1.69 39.29
C ALA A 191 25.71 -2.48 40.26
N LYS A 192 26.73 -1.80 40.78
CA LYS A 192 27.67 -2.40 41.70
C LYS A 192 27.04 -2.72 43.05
N THR A 193 25.97 -2.00 43.38
CA THR A 193 25.27 -2.21 44.64
C THR A 193 24.28 -3.36 44.59
N GLN A 195 25.50 -6.44 43.43
CA GLN A 195 26.39 -7.54 43.76
C GLN A 195 27.25 -7.22 44.98
N GLY A 196 26.81 -7.72 46.13
CA GLY A 196 27.49 -7.53 47.39
C GLY A 196 26.66 -6.84 48.47
N SER A 197 25.66 -6.07 48.06
CA SER A 197 24.80 -5.41 49.03
C SER A 197 23.65 -6.35 49.39
N GLU A 198 22.94 -6.06 50.48
CA GLU A 198 21.85 -6.91 50.94
C GLU A 198 20.52 -6.47 50.30
N VAL A 199 20.59 -5.78 49.16
CA VAL A 199 19.39 -5.30 48.49
C VAL A 199 18.74 -6.38 47.61
N VAL A 200 19.55 -7.17 46.92
CA VAL A 200 19.04 -8.26 46.09
C VAL A 200 18.41 -9.36 46.97
N ASN A 201 19.06 -9.67 48.08
CA ASN A 201 18.59 -10.70 48.99
C ASN A 201 17.19 -10.42 49.56
N VAL A 202 16.91 -9.15 49.84
CA VAL A 202 15.59 -8.75 50.30
C VAL A 202 14.70 -8.44 49.09
N LEU A 203 14.44 -9.47 48.28
CA LEU A 203 13.65 -9.33 47.08
C LEU A 203 13.23 -10.72 46.56
N LYS A 204 14.22 -11.58 46.34
CA LYS A 204 13.96 -12.94 45.90
C LYS A 204 13.12 -13.70 46.93
N SER A 205 13.46 -13.50 48.20
CA SER A 205 12.74 -14.15 49.30
C SER A 205 11.30 -13.66 49.39
N LEU A 206 11.09 -12.39 49.05
CA LEU A 206 9.76 -11.80 49.07
C LEU A 206 8.88 -12.38 47.98
N LEU A 207 9.47 -12.58 46.80
CA LEU A 207 8.74 -13.14 45.67
C LEU A 207 8.41 -14.62 45.87
N SER A 208 9.37 -15.36 46.41
CA SER A 208 9.19 -16.79 46.66
C SER A 208 8.14 -17.05 47.73
N ASN A 209 8.04 -16.15 48.70
CA ASN A 209 7.04 -16.25 49.74
C ASN A 209 5.66 -15.95 49.15
N LEU A 210 5.60 -14.96 48.27
CA LEU A 210 4.36 -14.59 47.60
C LEU A 210 3.95 -15.66 46.59
N ASP A 211 4.95 -16.34 46.01
CA ASP A 211 4.70 -17.40 45.03
C ASP A 211 4.05 -18.60 45.71
N GLU A 212 4.40 -18.82 46.98
CA GLU A 212 3.82 -19.92 47.74
C GLU A 212 2.32 -19.74 47.94
N VAL A 213 1.85 -18.49 47.86
CA VAL A 213 0.43 -18.21 47.97
C VAL A 213 -0.31 -18.79 46.78
N LYS A 214 0.26 -18.66 45.59
CA LYS A 214 -0.33 -19.20 44.37
C LYS A 214 -0.45 -20.71 44.44
N LYS A 215 0.58 -21.37 44.96
CA LYS A 215 0.59 -22.83 45.08
C LYS A 215 -0.37 -23.31 46.17
N GLU A 216 -0.49 -22.52 47.24
CA GLU A 216 -1.41 -22.85 48.33
C GLU A 216 -2.85 -22.69 47.86
N ARG A 217 -3.06 -21.77 46.92
CA ARG A 217 -4.37 -21.50 46.37
C ARG A 217 -4.88 -22.65 45.51
N GLU A 218 -3.95 -23.45 44.98
CA GLU A 218 -4.29 -24.64 44.20
C GLU A 218 -5.08 -25.63 45.04
N GLY A 219 -4.68 -25.77 46.31
CA GLY A 219 -5.39 -26.62 47.25
C GLY A 219 -6.70 -26.00 47.67
N LEU A 220 -6.76 -24.67 47.65
CA LEU A 220 -7.97 -23.96 48.05
C LEU A 220 -8.90 -23.72 46.87
N GLU A 221 -8.96 -24.69 45.95
CA GLU A 221 -9.85 -24.61 44.80
C GLU A 221 -10.59 -25.91 44.59
N ASN A 222 -9.84 -27.01 44.47
CA ASN A 222 -10.44 -28.33 44.31
C ASN A 222 -11.18 -28.77 45.56
N ASP A 223 -10.68 -28.37 46.72
CA ASP A 223 -11.30 -28.68 47.99
C ASP A 223 -12.66 -28.01 48.13
N LEU A 224 -12.71 -26.72 47.79
CA LEU A 224 -13.95 -25.95 47.87
C LEU A 224 -14.96 -26.42 46.83
N LYS A 225 -14.44 -26.90 45.70
CA LYS A 225 -15.29 -27.37 44.61
C LYS A 225 -15.97 -28.68 44.97
N SER A 226 -15.23 -29.56 45.65
CA SER A 226 -15.75 -30.87 46.01
C SER A 226 -16.29 -30.88 47.44
N VAL A 227 -17.17 -29.94 47.76
CA VAL A 227 -17.81 -29.89 49.07
C VAL A 227 -19.15 -30.61 49.03
N ASN A 228 -19.28 -31.66 49.84
CA ASN A 228 -20.50 -32.45 49.87
C ASN A 228 -20.66 -33.17 51.21
N PHE A 229 -21.76 -32.89 51.90
CA PHE A 229 -22.04 -33.53 53.18
C PHE A 229 -23.53 -33.60 53.44
N ASP A 230 -24.08 -34.81 53.36
CA ASP A 230 -25.50 -35.03 53.59
C ASP A 230 -25.85 -34.85 55.07
N THR A 232 -29.56 -34.67 56.32
CA THR A 232 -31.02 -34.64 56.30
C THR A 232 -31.59 -34.88 57.70
N SER A 233 -30.91 -35.72 58.47
CA SER A 233 -31.35 -36.10 59.81
C SER A 233 -31.61 -34.91 60.74
N LYS A 234 -30.84 -33.83 60.56
CA LYS A 234 -30.97 -32.67 61.42
C LYS A 234 -32.22 -31.82 61.11
N PHE A 235 -32.53 -31.67 59.83
CA PHE A 235 -33.72 -30.95 59.40
C PHE A 235 -34.99 -31.62 59.93
N LEU A 236 -34.95 -32.95 59.99
CA LEU A 236 -36.08 -33.73 60.48
C LEU A 236 -36.19 -33.62 61.99
N THR A 237 -35.05 -33.49 62.66
CA THR A 237 -35.02 -33.33 64.11
C THR A 237 -35.75 -32.06 64.49
N ALA A 238 -35.57 -31.02 63.68
CA ALA A 238 -36.26 -29.75 63.90
C ALA A 238 -37.76 -29.89 63.64
N LEU A 239 -38.11 -30.66 62.62
CA LEU A 239 -39.51 -30.88 62.27
C LEU A 239 -40.24 -31.67 63.35
N ALA A 240 -39.55 -32.63 63.94
CA ALA A 240 -40.12 -33.46 64.99
C ALA A 240 -40.18 -32.75 66.34
N GLN A 241 -39.05 -32.22 66.78
CA GLN A 241 -38.94 -31.57 68.08
C GLN A 241 -39.71 -30.24 68.15
N ASP A 242 -39.37 -29.31 67.26
CA ASP A 242 -39.98 -27.99 67.26
C ASP A 242 -41.41 -28.08 66.72
N GLY A 243 -41.55 -28.58 65.50
CA GLY A 243 -42.85 -28.71 64.87
C GLY A 243 -42.84 -28.15 63.46
N VAL A 244 -42.11 -27.06 63.27
CA VAL A 244 -41.99 -26.43 61.96
C VAL A 244 -40.51 -26.24 61.61
N ILE A 245 -40.18 -26.44 60.33
CA ILE A 245 -38.79 -26.33 59.89
C ILE A 245 -38.40 -24.87 59.61
N ASN A 246 -37.49 -24.35 60.42
CA ASN A 246 -36.98 -23.00 60.23
C ASN A 246 -35.72 -23.06 59.38
N GLU A 247 -35.88 -22.80 58.09
CA GLU A 247 -34.77 -22.93 57.15
C GLU A 247 -33.74 -21.80 57.28
N GLU A 248 -34.21 -20.58 57.50
CA GLU A 248 -33.32 -19.42 57.55
C GLU A 248 -32.51 -19.35 58.83
N ALA A 249 -33.19 -19.40 59.97
CA ALA A 249 -32.54 -19.22 61.27
C ALA A 249 -31.58 -20.36 61.61
N LEU A 250 -32.00 -21.59 61.33
CA LEU A 250 -31.18 -22.75 61.68
C LEU A 250 -29.96 -22.89 60.78
N SER A 251 -30.10 -22.49 59.52
CA SER A 251 -28.99 -22.57 58.56
C SER A 251 -27.84 -21.65 58.96
N VAL A 252 -28.18 -20.47 59.46
CA VAL A 252 -27.18 -19.49 59.87
C VAL A 252 -26.30 -20.04 60.99
N THR A 253 -26.93 -20.58 62.01
CA THR A 253 -26.21 -21.13 63.16
C THR A 253 -25.42 -22.38 62.77
N GLU A 254 -25.95 -23.14 61.82
CA GLU A 254 -25.31 -24.40 61.41
C GLU A 254 -24.14 -24.18 60.45
N LEU A 255 -24.37 -23.39 59.40
CA LEU A 255 -23.37 -23.22 58.35
C LEU A 255 -22.15 -22.41 58.80
N ASP A 256 -22.39 -21.42 59.67
CA ASP A 256 -21.30 -20.57 60.16
C ASP A 256 -20.30 -21.36 61.00
N ARG A 257 -20.81 -22.34 61.74
CA ARG A 257 -19.97 -23.15 62.62
C ARG A 257 -19.13 -24.17 61.85
N VAL A 258 -19.75 -24.80 60.85
CA VAL A 258 -19.08 -25.85 60.09
C VAL A 258 -18.15 -25.31 59.01
N TYR A 259 -18.47 -24.14 58.45
CA TYR A 259 -17.64 -23.51 57.44
C TYR A 259 -17.03 -22.22 57.94
N GLY A 260 -16.54 -22.23 59.18
CA GLY A 260 -15.96 -21.05 59.78
C GLY A 260 -14.48 -20.88 59.49
N GLY A 261 -13.75 -21.99 59.54
CA GLY A 261 -12.32 -22.00 59.29
C GLY A 261 -12.02 -21.90 57.81
N LEU A 262 -12.95 -22.39 57.01
CA LEU A 262 -12.81 -22.35 55.56
C LEU A 262 -12.74 -20.91 55.07
N THR A 263 -13.53 -20.04 55.69
CA THR A 263 -13.57 -18.63 55.31
C THR A 263 -12.39 -17.88 55.93
N THR A 264 -11.99 -18.30 57.12
CA THR A 264 -10.91 -17.63 57.84
C THR A 264 -9.59 -17.74 57.09
N LYS A 265 -9.26 -18.96 56.65
CA LYS A 265 -8.02 -19.19 55.92
C LYS A 265 -8.00 -18.47 54.58
N VAL A 266 -9.17 -18.35 53.96
CA VAL A 266 -9.30 -17.61 52.72
C VAL A 266 -9.07 -16.11 52.96
N GLN A 267 -9.77 -15.58 53.97
CA GLN A 267 -9.62 -14.18 54.35
C GLN A 267 -8.19 -13.90 54.84
N GLU A 268 -7.59 -14.90 55.48
CA GLU A 268 -6.21 -14.76 55.96
C GLU A 268 -5.24 -14.71 54.80
N SER A 269 -5.49 -15.52 53.77
CA SER A 269 -4.65 -15.56 52.58
C SER A 269 -4.74 -14.25 51.81
N LEU A 270 -5.94 -13.68 51.75
CA LEU A 270 -6.14 -12.40 51.10
C LEU A 270 -5.52 -11.28 51.92
N LYS A 271 -5.64 -11.39 53.23
CA LYS A 271 -5.05 -10.42 54.15
C LYS A 271 -3.52 -10.53 54.10
N LYS A 272 -3.03 -11.77 53.97
CA LYS A 272 -1.60 -11.99 53.84
C LYS A 272 -1.08 -11.43 52.53
N GLN A 273 -1.83 -11.66 51.45
CA GLN A 273 -1.48 -11.14 50.14
C GLN A 273 -1.52 -9.61 50.16
N GLU A 274 -2.56 -9.08 50.81
CA GLU A 274 -2.73 -7.64 50.96
C GLU A 274 -1.56 -7.07 51.77
N GLY A 275 -1.12 -7.85 52.77
CA GLY A 275 0.00 -7.47 53.60
C GLY A 275 1.34 -7.61 52.89
N LEU A 276 1.48 -8.69 52.13
CA LEU A 276 2.72 -8.93 51.39
C LEU A 276 2.94 -7.90 50.30
N LEU A 277 1.90 -7.64 49.51
CA LEU A 277 1.98 -6.68 48.41
C LEU A 277 2.32 -5.28 48.89
N LYS A 278 1.83 -4.92 50.08
CA LYS A 278 2.09 -3.59 50.64
C LYS A 278 3.57 -3.40 50.98
N ASN A 279 4.20 -4.46 51.49
CA ASN A 279 5.62 -4.41 51.80
C ASN A 279 6.51 -4.64 50.58
N ILE A 280 6.01 -5.40 49.61
CA ILE A 280 6.75 -5.66 48.38
C ILE A 280 6.83 -4.39 47.51
N GLN A 281 5.74 -3.63 47.48
CA GLN A 281 5.70 -2.38 46.71
C GLN A 281 6.70 -1.37 47.25
N VAL A 282 6.89 -1.35 48.57
CA VAL A 282 7.87 -0.47 49.17
C VAL A 282 9.28 -1.00 48.89
N SER A 283 9.43 -2.32 48.93
CA SER A 283 10.70 -2.94 48.60
C SER A 283 11.06 -2.71 47.14
N HIS A 284 10.04 -2.60 46.29
CA HIS A 284 10.25 -2.30 44.88
C HIS A 284 10.83 -0.89 44.73
N GLN A 285 10.37 0.01 45.59
CA GLN A 285 10.90 1.37 45.64
C GLN A 285 12.35 1.30 46.09
N GLU A 286 12.61 0.44 47.07
CA GLU A 286 13.95 0.23 47.58
C GLU A 286 14.81 -0.49 46.53
N PHE A 287 14.16 -1.32 45.72
CA PHE A 287 14.85 -2.04 44.65
C PHE A 287 15.30 -1.14 43.52
N SER A 288 14.42 -0.22 43.10
CA SER A 288 14.74 0.66 41.98
C SER A 288 15.13 2.06 42.44
N LYS A 289 15.57 2.18 43.68
CA LYS A 289 15.95 3.48 44.24
C LYS A 289 17.27 3.92 43.65
N LYS A 291 19.02 4.32 41.08
CA LYS A 291 19.12 4.55 39.65
C LYS A 291 20.50 5.11 39.33
N GLN A 292 20.85 6.18 40.03
CA GLN A 292 22.22 6.69 40.06
C GLN A 292 23.20 5.62 40.52
N SER A 293 22.91 5.03 41.67
CA SER A 293 23.75 3.99 42.28
C SER A 293 25.09 4.58 42.72
N ASN A 294 26.16 4.18 42.04
CA ASN A 294 27.49 4.67 42.38
C ASN A 294 27.90 5.84 41.49
N ASN A 295 28.60 5.54 40.39
CA ASN A 295 29.01 6.59 39.46
C ASN A 295 28.40 6.39 38.07
N GLU A 296 28.41 5.15 37.59
CA GLU A 296 27.86 4.83 36.28
C GLU A 296 26.82 3.73 36.36
N ALA A 297 25.55 4.11 36.33
CA ALA A 297 24.45 3.14 36.31
C ALA A 297 23.22 3.74 35.67
N ASN A 298 22.90 4.97 36.05
CA ASN A 298 21.75 5.69 35.49
C ASN A 298 21.90 5.92 34.00
N LEU A 299 23.16 6.01 33.55
CA LEU A 299 23.45 6.25 32.14
C LEU A 299 22.93 5.11 31.27
N ARG A 300 23.07 3.88 31.73
CA ARG A 300 22.57 2.73 30.99
C ARG A 300 21.05 2.80 30.86
N GLU A 301 20.39 3.30 31.90
CA GLU A 301 18.94 3.48 31.89
C GLU A 301 18.53 4.59 30.94
N GLU A 302 19.32 5.67 30.95
CA GLU A 302 19.07 6.81 30.08
C GLU A 302 19.25 6.47 28.61
N VAL A 303 20.12 5.51 28.33
CA VAL A 303 20.33 5.04 26.97
C VAL A 303 19.06 4.41 26.42
N LEU A 304 18.47 3.50 27.20
CA LEU A 304 17.25 2.82 26.79
C LEU A 304 16.06 3.76 26.77
N LYS A 305 16.11 4.79 27.62
CA LYS A 305 15.03 5.77 27.72
C LYS A 305 14.84 6.54 26.42
N ASN A 306 15.94 6.86 25.75
CA ASN A 306 15.88 7.56 24.47
C ASN A 306 15.38 6.67 23.33
N LEU A 307 15.72 5.39 23.40
CA LEU A 307 15.30 4.43 22.39
C LEU A 307 13.79 4.21 22.40
N ALA A 308 13.20 4.21 23.59
CA ALA A 308 11.76 4.05 23.72
C ALA A 308 11.09 5.27 23.11
N THR A 309 11.71 6.43 23.31
CA THR A 309 11.21 7.68 22.78
C THR A 309 11.71 7.84 21.34
N ALA A 310 12.44 6.83 20.84
CA ALA A 310 12.85 6.79 19.43
C ALA A 310 12.01 5.85 18.58
N TYR A 311 11.82 4.62 19.06
CA TYR A 311 11.08 3.60 18.32
C TYR A 311 9.59 3.93 18.24
N ASP A 312 9.00 4.32 19.36
CA ASP A 312 7.60 4.71 19.40
C ASP A 312 7.37 6.02 18.68
N ASN A 313 8.34 6.94 18.80
CA ASN A 313 8.29 8.22 18.10
C ASN A 313 8.37 7.98 16.60
N PHE A 314 9.11 6.94 16.21
CA PHE A 314 9.24 6.57 14.82
C PHE A 314 7.88 6.31 14.19
N VAL A 315 7.02 5.62 14.94
CA VAL A 315 5.68 5.28 14.48
C VAL A 315 4.81 6.53 14.34
N GLU A 316 4.87 7.41 15.34
CA GLU A 316 4.06 8.62 15.36
C GLU A 316 4.45 9.55 14.21
N LEU A 317 5.75 9.63 13.92
CA LEU A 317 6.23 10.45 12.80
C LEU A 317 5.81 9.88 11.45
N VAL A 318 5.87 8.55 11.33
CA VAL A 318 5.46 7.87 10.11
C VAL A 318 3.94 7.97 9.91
N ALA A 319 3.21 8.00 11.02
CA ALA A 319 1.75 8.07 10.98
C ALA A 319 1.23 9.34 10.29
N ASN A 320 1.90 10.46 10.52
CA ASN A 320 1.52 11.71 9.88
C ASN A 320 1.86 11.66 8.38
N LEU A 321 2.90 10.91 8.04
CA LEU A 321 3.25 10.68 6.65
C LEU A 321 2.22 9.77 5.99
N LYS A 322 1.68 8.85 6.78
CA LYS A 322 0.62 7.96 6.32
C LYS A 322 -0.68 8.72 6.10
N GLU A 323 -0.96 9.69 6.98
CA GLU A 323 -2.12 10.58 6.80
C GLU A 323 -1.98 11.34 5.50
N GLY A 324 -0.77 11.78 5.21
CA GLY A 324 -0.49 12.47 3.96
C GLY A 324 -0.28 11.49 2.83
N THR A 325 0.57 11.85 1.86
CA THR A 325 0.86 11.01 0.70
C THR A 325 -0.41 10.58 -0.03
N LYS A 326 -1.14 9.64 0.57
CA LYS A 326 -2.45 9.22 0.06
C LYS A 326 -3.41 10.41 0.04
N PHE A 327 -3.17 11.37 0.92
CA PHE A 327 -3.98 12.57 1.01
C PHE A 327 -3.89 13.38 -0.28
N TYR A 328 -2.68 13.44 -0.84
CA TYR A 328 -2.47 14.17 -2.09
C TYR A 328 -3.04 13.44 -3.30
N ASN A 329 -2.97 12.11 -3.26
CA ASN A 329 -3.43 11.28 -4.37
C ASN A 329 -4.94 11.31 -4.57
N GLU A 330 -5.69 11.35 -3.47
CA GLU A 330 -7.15 11.43 -3.55
C GLU A 330 -7.58 12.85 -3.91
N LEU A 331 -6.71 13.83 -3.66
CA LEU A 331 -6.96 15.20 -4.07
C LEU A 331 -6.88 15.34 -5.58
N THR A 332 -6.10 14.46 -6.21
CA THR A 332 -5.92 14.48 -7.65
C THR A 332 -7.25 14.25 -8.38
N GLU A 333 -8.05 13.32 -7.85
CA GLU A 333 -9.35 13.01 -8.42
C GLU A 333 -10.36 14.13 -8.15
N ILE A 334 -10.12 14.90 -7.09
CA ILE A 334 -11.01 15.98 -6.71
C ILE A 334 -10.74 17.26 -7.49
N LEU A 335 -9.47 17.65 -7.56
CA LEU A 335 -9.07 18.89 -8.22
C LEU A 335 -9.39 18.90 -9.71
N VAL A 336 -9.33 17.74 -10.35
CA VAL A 336 -9.62 17.64 -11.78
C VAL A 336 -11.10 17.92 -12.07
N ARG A 337 -11.97 17.25 -11.31
CA ARG A 337 -13.41 17.47 -11.47
C ARG A 337 -13.78 18.89 -11.04
N PHE A 338 -13.03 19.44 -10.10
CA PHE A 338 -13.24 20.80 -9.62
C PHE A 338 -12.81 21.82 -10.67
N GLN A 339 -11.65 21.60 -11.28
CA GLN A 339 -11.10 22.51 -12.27
C GLN A 339 -11.95 22.52 -13.54
N ASN A 340 -12.37 21.34 -13.96
CA ASN A 340 -13.20 21.21 -15.16
C ASN A 340 -14.61 21.76 -14.97
N LYS A 341 -15.10 21.72 -13.74
CA LYS A 341 -16.42 22.25 -13.41
C LYS A 341 -16.49 23.75 -13.68
N CYS A 342 -15.40 24.45 -13.38
CA CYS A 342 -15.32 25.88 -13.62
C CYS A 342 -15.26 26.18 -15.11
N SER A 343 -14.54 25.34 -15.84
CA SER A 343 -14.38 25.51 -17.28
C SER A 343 -15.70 25.31 -18.02
N ASP A 344 -16.51 24.37 -17.53
CA ASP A 344 -17.80 24.07 -18.14
C ASP A 344 -18.74 25.28 -18.06
N ILE A 345 -18.63 26.03 -16.97
CA ILE A 345 -19.46 27.21 -16.77
C ILE A 345 -18.96 28.37 -17.64
N VAL A 346 -17.63 28.54 -17.68
CA VAL A 346 -17.02 29.60 -18.46
C VAL A 346 -17.22 29.40 -19.96
N PHE A 347 -17.02 28.16 -20.42
CA PHE A 347 -17.17 27.83 -21.83
C PHE A 347 -18.60 28.03 -22.31
N ALA A 348 -19.56 27.58 -21.51
CA ALA A 348 -20.97 27.72 -21.84
C ALA A 348 -21.37 29.19 -21.87
N ARG A 349 -20.74 29.97 -21.00
CA ARG A 349 -21.00 31.41 -20.95
C ARG A 349 -20.44 32.08 -22.19
N LYS A 350 -19.33 31.55 -22.69
CA LYS A 350 -18.67 32.09 -23.87
C LYS A 350 -19.41 31.71 -25.15
N THR A 351 -20.14 30.60 -25.09
CA THR A 351 -20.84 30.08 -26.26
C THR A 351 -21.97 31.01 -26.72
N GLU A 352 -22.70 31.56 -25.76
CA GLU A 352 -23.86 32.39 -26.06
C GLU A 352 -23.49 33.68 -26.79
N ARG A 353 -22.79 34.58 -26.08
CA ARG A 353 -22.40 35.88 -26.62
C ARG A 353 -23.58 36.69 -27.15
N VAL B 12 -42.85 20.72 -64.07
CA VAL B 12 -41.67 21.56 -63.94
C VAL B 12 -42.02 22.91 -63.32
N SER B 13 -41.59 23.11 -62.08
CA SER B 13 -41.88 24.34 -61.34
C SER B 13 -40.74 25.36 -61.44
N VAL B 14 -40.82 26.40 -60.61
CA VAL B 14 -39.81 27.45 -60.60
C VAL B 14 -38.46 26.88 -60.18
N GLN B 15 -38.50 25.94 -59.24
CA GLN B 15 -37.29 25.31 -58.73
C GLN B 15 -37.48 23.80 -58.62
N GLN B 16 -36.62 23.04 -59.31
CA GLN B 16 -36.73 21.58 -59.29
C GLN B 16 -35.39 20.88 -59.54
N SER B 17 -34.29 21.60 -59.34
CA SER B 17 -32.97 21.04 -59.56
C SER B 17 -31.90 21.89 -58.87
N LEU B 18 -32.23 22.36 -57.67
CA LEU B 18 -31.29 23.20 -56.92
C LEU B 18 -30.55 22.37 -55.90
N ALA B 19 -31.31 21.77 -54.98
CA ALA B 19 -30.71 20.97 -53.92
C ALA B 19 -30.13 19.68 -54.48
N ALA B 20 -30.54 19.33 -55.70
CA ALA B 20 -30.04 18.14 -56.38
C ALA B 20 -28.53 18.22 -56.58
N TYR B 21 -28.05 19.43 -56.86
CA TYR B 21 -26.62 19.65 -57.09
C TYR B 21 -25.80 19.79 -55.82
N ASN B 22 -26.35 20.51 -54.84
CA ASN B 22 -25.62 20.81 -53.59
C ASN B 22 -25.24 19.56 -52.79
N GLN B 23 -26.11 18.55 -52.82
CA GLN B 23 -25.83 17.30 -52.13
C GLN B 23 -24.61 16.60 -52.73
N ARG B 24 -24.44 16.73 -54.03
CA ARG B 24 -23.30 16.15 -54.72
C ARG B 24 -22.01 16.88 -54.34
N LYS B 25 -22.12 18.18 -54.10
CA LYS B 25 -20.99 18.98 -53.66
C LYS B 25 -20.48 18.52 -52.29
N ALA B 26 -21.42 18.19 -51.41
CA ALA B 26 -21.07 17.69 -50.08
C ALA B 26 -20.41 16.33 -50.16
N ASP B 27 -20.89 15.50 -51.09
CA ASP B 27 -20.31 14.17 -51.31
C ASP B 27 -19.10 14.29 -52.23
N LEU B 28 -18.12 15.09 -51.81
CA LEU B 28 -16.95 15.36 -52.63
C LEU B 28 -15.84 15.99 -51.80
N VAL B 29 -16.12 17.15 -51.22
CA VAL B 29 -15.15 17.87 -50.39
C VAL B 29 -14.80 17.06 -49.14
N ASN B 30 -15.83 16.54 -48.48
CA ASN B 30 -15.63 15.71 -47.29
C ASN B 30 -14.84 14.44 -47.62
N ARG B 31 -15.04 13.94 -48.84
CA ARG B 31 -14.31 12.76 -49.31
C ARG B 31 -12.82 13.06 -49.39
N SER B 32 -12.49 14.27 -49.82
CA SER B 32 -11.10 14.69 -49.97
C SER B 32 -10.43 14.92 -48.62
N ILE B 33 -11.17 15.51 -47.69
CA ILE B 33 -10.66 15.79 -46.36
C ILE B 33 -10.26 14.50 -45.65
N ALA B 34 -11.07 13.46 -45.82
CA ALA B 34 -10.78 12.14 -45.25
C ALA B 34 -9.48 11.58 -45.82
N GLN B 35 -9.30 11.75 -47.13
CA GLN B 35 -8.09 11.30 -47.80
C GLN B 35 -7.06 12.42 -47.79
N ARG B 37 -6.32 14.27 -44.10
CA ARG B 37 -5.92 14.33 -42.70
C ARG B 37 -5.48 12.96 -42.18
N GLU B 38 -6.09 11.91 -42.72
CA GLU B 38 -5.72 10.55 -42.34
C GLU B 38 -4.27 10.26 -42.72
N ALA B 39 -3.86 10.79 -43.86
CA ALA B 39 -2.48 10.64 -44.32
C ALA B 39 -1.53 11.40 -43.40
N THR B 40 -2.03 12.51 -42.85
CA THR B 40 -1.24 13.37 -41.96
C THR B 40 -0.89 12.63 -40.67
N THR B 41 -1.88 11.95 -40.09
CA THR B 41 -1.68 11.21 -38.86
C THR B 41 -0.77 10.01 -39.14
N LEU B 42 -0.89 9.45 -40.34
CA LEU B 42 -0.09 8.30 -40.75
C LEU B 42 1.40 8.62 -40.72
N ALA B 43 1.75 9.86 -41.05
CA ALA B 43 3.15 10.29 -41.08
C ALA B 43 3.76 10.39 -39.69
N ASN B 44 3.02 10.97 -38.75
CA ASN B 44 3.50 11.17 -37.39
C ASN B 44 3.84 9.87 -36.65
N GLY B 45 3.07 8.82 -36.91
CA GLY B 45 3.25 7.54 -36.23
C GLY B 45 4.54 6.82 -36.51
N VAL B 46 5.04 6.94 -37.74
CA VAL B 46 6.27 6.26 -38.13
C VAL B 46 7.49 6.95 -37.53
N LEU B 47 7.47 8.28 -37.48
CA LEU B 47 8.56 9.06 -36.92
C LEU B 47 8.85 8.67 -35.48
N ALA B 48 7.79 8.52 -34.69
CA ALA B 48 7.92 8.13 -33.29
C ALA B 48 8.48 6.71 -33.15
N SER B 49 8.19 5.87 -34.14
CA SER B 49 8.65 4.49 -34.13
C SER B 49 10.17 4.39 -34.38
N LEU B 50 10.68 5.26 -35.24
CA LEU B 50 12.10 5.24 -35.60
C LEU B 50 12.89 6.37 -34.96
N ASN B 51 12.45 6.83 -33.80
CA ASN B 51 13.14 7.88 -33.04
C ASN B 51 13.33 9.16 -33.85
N LEU B 52 12.23 9.80 -34.23
CA LEU B 52 12.27 11.01 -35.03
C LEU B 52 11.20 12.00 -34.56
N PRO B 53 11.40 13.30 -34.81
CA PRO B 53 12.55 13.92 -35.49
C PRO B 53 13.69 14.24 -34.53
N ALA B 54 13.59 13.77 -33.29
CA ALA B 54 14.61 14.07 -32.28
C ALA B 54 15.79 13.12 -32.37
N ALA B 55 16.56 13.24 -33.45
CA ALA B 55 17.76 12.42 -33.62
C ALA B 55 18.85 13.16 -34.38
N ILE B 56 18.72 14.48 -34.47
CA ILE B 56 19.70 15.31 -35.16
C ILE B 56 19.94 16.61 -34.38
N GLU B 57 19.91 16.49 -33.06
CA GLU B 57 20.09 17.63 -32.18
C GLU B 57 21.12 17.31 -31.10
N ASP B 58 20.91 16.20 -30.41
CA ASP B 58 21.79 15.79 -29.32
C ASP B 58 23.13 15.27 -29.83
N VAL B 59 24.21 15.86 -29.32
CA VAL B 59 25.57 15.42 -29.64
C VAL B 59 26.55 15.81 -28.52
N SER B 60 27.11 14.82 -27.84
CA SER B 60 28.00 15.07 -26.72
C SER B 60 28.92 13.87 -26.47
N GLY B 61 28.32 12.76 -26.07
CA GLY B 61 29.08 11.52 -25.85
C GLY B 61 29.55 11.37 -24.41
N ASP B 62 30.16 12.41 -23.87
CA ASP B 62 30.71 12.36 -22.53
C ASP B 62 29.61 12.39 -21.47
N THR B 63 28.70 13.35 -21.59
CA THR B 63 27.61 13.50 -20.61
C THR B 63 26.65 12.32 -20.69
N VAL B 64 25.81 12.17 -19.67
CA VAL B 64 24.85 11.07 -19.62
C VAL B 64 23.55 11.44 -20.32
N PRO B 65 22.84 10.44 -20.87
CA PRO B 65 21.57 10.69 -21.56
C PRO B 65 20.52 11.26 -20.62
N GLN B 66 19.47 11.86 -21.18
CA GLN B 66 18.42 12.47 -20.39
C GLN B 66 17.36 11.46 -19.99
N SER B 67 16.99 10.59 -20.93
CA SER B 67 16.00 9.56 -20.68
C SER B 67 16.52 8.54 -19.65
N ILE B 68 17.81 8.22 -19.74
CA ILE B 68 18.44 7.30 -18.81
C ILE B 68 18.56 7.92 -17.41
N LEU B 69 18.94 9.20 -17.38
CA LEU B 69 19.10 9.92 -16.12
C LEU B 69 17.78 10.02 -15.34
N THR B 70 16.68 10.14 -16.06
CA THR B 70 15.36 10.23 -15.44
C THR B 70 14.97 8.89 -14.83
N LYS B 71 15.22 7.81 -15.56
CA LYS B 71 14.90 6.46 -15.11
C LYS B 71 15.74 6.05 -13.90
N SER B 72 16.98 6.53 -13.86
CA SER B 72 17.87 6.22 -12.75
C SER B 72 17.38 6.83 -11.46
N ARG B 73 16.90 8.07 -11.53
CA ARG B 73 16.37 8.75 -10.35
C ARG B 73 15.03 8.18 -9.93
N SER B 74 14.33 7.57 -10.87
CA SER B 74 13.04 6.94 -10.59
C SER B 74 13.21 5.75 -9.65
N VAL B 75 14.29 5.00 -9.84
CA VAL B 75 14.61 3.86 -9.00
C VAL B 75 15.12 4.33 -7.63
N ILE B 76 15.94 5.38 -7.64
CA ILE B 76 16.47 5.96 -6.42
C ILE B 76 15.37 6.59 -5.57
N GLU B 77 14.40 7.23 -6.23
CA GLU B 77 13.27 7.84 -5.54
C GLU B 77 12.44 6.79 -4.79
N GLN B 78 12.26 5.63 -5.42
CA GLN B 78 11.53 4.53 -4.82
C GLN B 78 12.50 3.58 -4.12
N GLY B 79 13.31 4.12 -3.22
CA GLY B 79 14.30 3.33 -2.51
C GLY B 79 15.43 2.90 -3.43
N GLY B 80 15.54 1.59 -3.66
CA GLY B 80 16.58 1.06 -4.52
C GLY B 80 16.75 -0.44 -4.38
N ILE B 81 18.00 -0.87 -4.25
CA ILE B 81 18.31 -2.29 -4.09
C ILE B 81 17.90 -2.78 -2.70
N GLN B 82 17.88 -1.87 -1.74
CA GLN B 82 17.52 -2.20 -0.36
C GLN B 82 16.05 -2.59 -0.26
N THR B 83 15.20 -1.90 -1.01
CA THR B 83 13.77 -2.18 -1.02
C THR B 83 13.52 -3.55 -1.62
N VAL B 84 14.37 -3.94 -2.57
CA VAL B 84 14.23 -5.21 -3.26
C VAL B 84 14.73 -6.40 -2.44
N ASP B 85 15.92 -6.24 -1.86
CA ASP B 85 16.56 -7.32 -1.11
C ASP B 85 15.76 -7.77 0.12
N GLN B 86 15.14 -6.80 0.81
CA GLN B 86 14.39 -7.10 2.02
C GLN B 86 13.10 -7.87 1.73
N LEU B 87 12.58 -7.72 0.51
CA LEU B 87 11.37 -8.42 0.10
C LEU B 87 11.68 -9.88 -0.23
N ILE B 88 12.87 -10.12 -0.78
CA ILE B 88 13.29 -11.45 -1.15
C ILE B 88 13.66 -12.26 0.09
N LYS B 89 14.31 -11.60 1.04
CA LYS B 89 14.82 -12.27 2.24
C LYS B 89 13.70 -12.76 3.17
N GLU B 90 12.56 -12.08 3.16
CA GLU B 90 11.46 -12.44 4.05
C GLU B 90 10.49 -13.42 3.39
N LEU B 91 10.72 -13.72 2.12
CA LEU B 91 9.87 -14.67 1.39
C LEU B 91 9.89 -16.09 1.97
N PRO B 92 11.08 -16.65 2.26
CA PRO B 92 11.06 -17.98 2.89
C PRO B 92 10.44 -17.96 4.28
N GLU B 93 10.52 -16.82 4.97
CA GLU B 93 9.97 -16.68 6.31
C GLU B 93 8.45 -16.82 6.28
N LEU B 94 7.81 -16.09 5.38
CA LEU B 94 6.36 -16.14 5.25
C LEU B 94 5.90 -17.45 4.62
N LEU B 95 6.71 -17.98 3.70
CA LEU B 95 6.38 -19.25 3.03
C LEU B 95 6.44 -20.41 4.01
N GLN B 96 7.46 -20.41 4.88
CA GLN B 96 7.61 -21.47 5.86
C GLN B 96 6.56 -21.35 6.96
N ARG B 97 6.21 -20.11 7.31
CA ARG B 97 5.19 -19.86 8.33
C ARG B 97 3.84 -20.43 7.91
N ASN B 98 3.53 -20.31 6.63
CA ASN B 98 2.29 -20.85 6.08
C ASN B 98 2.32 -22.37 5.95
N ARG B 99 3.51 -22.92 5.66
CA ARG B 99 3.66 -24.35 5.46
C ARG B 99 3.46 -25.12 6.77
N GLU B 100 3.92 -24.55 7.87
CA GLU B 100 3.78 -25.18 9.18
C GLU B 100 2.31 -25.23 9.61
N ILE B 101 1.55 -24.21 9.25
CA ILE B 101 0.12 -24.16 9.55
C ILE B 101 -0.62 -25.24 8.74
N LEU B 102 -0.17 -25.46 7.52
CA LEU B 102 -0.74 -26.48 6.66
C LEU B 102 -0.56 -27.89 7.24
N ASP B 103 0.67 -28.19 7.64
CA ASP B 103 0.99 -29.49 8.22
C ASP B 103 0.26 -29.72 9.53
N GLU B 104 0.09 -28.65 10.31
CA GLU B 104 -0.62 -28.72 11.58
C GLU B 104 -2.13 -28.88 11.36
N SER B 105 -2.64 -28.25 10.31
CA SER B 105 -4.05 -28.35 9.98
C SER B 105 -4.42 -29.75 9.53
N LEU B 106 -3.55 -30.36 8.73
CA LEU B 106 -3.77 -31.72 8.24
C LEU B 106 -3.58 -32.74 9.35
N ARG B 107 -2.73 -32.41 10.32
CA ARG B 107 -2.46 -33.29 11.46
C ARG B 107 -3.72 -33.50 12.29
N LEU B 108 -4.57 -32.48 12.33
CA LEU B 108 -5.83 -32.56 13.06
C LEU B 108 -6.73 -33.66 12.48
N LEU B 109 -6.66 -33.81 11.16
CA LEU B 109 -7.42 -34.85 10.48
C LEU B 109 -6.82 -36.23 10.80
N ASP B 110 -5.49 -36.28 10.83
CA ASP B 110 -4.79 -37.52 11.15
C ASP B 110 -4.92 -37.87 12.63
N GLU B 111 -5.14 -36.85 13.46
CA GLU B 111 -5.27 -37.05 14.90
C GLU B 111 -6.51 -37.89 15.25
N GLU B 112 -7.66 -37.44 14.76
CA GLU B 112 -8.93 -38.13 15.04
C GLU B 112 -8.96 -39.52 14.40
N GLU B 113 -8.38 -39.62 13.21
CA GLU B 113 -8.34 -40.89 12.49
C GLU B 113 -7.45 -41.91 13.21
N ALA B 114 -6.34 -41.45 13.76
CA ALA B 114 -5.40 -42.32 14.46
C ALA B 114 -6.04 -42.93 15.71
N THR B 115 -6.89 -42.16 16.37
CA THR B 115 -7.57 -42.64 17.58
C THR B 115 -8.79 -43.49 17.23
N ASP B 116 -9.49 -43.10 16.17
CA ASP B 116 -10.70 -43.79 15.75
C ASP B 116 -10.42 -45.18 15.22
N ASN B 117 -9.35 -45.32 14.45
CA ASN B 117 -8.96 -46.62 13.90
C ASN B 117 -8.62 -47.64 14.97
N ASP B 118 -7.94 -47.18 16.02
CA ASP B 118 -7.60 -48.05 17.15
C ASP B 118 -8.81 -48.32 18.04
N LEU B 119 -9.73 -47.37 18.08
CA LEU B 119 -10.93 -47.50 18.92
C LEU B 119 -11.93 -48.51 18.35
N ARG B 120 -12.09 -48.48 17.03
CA ARG B 120 -13.02 -49.39 16.36
C ARG B 120 -12.55 -50.84 16.43
N ALA B 121 -11.23 -51.04 16.43
CA ALA B 121 -10.65 -52.38 16.48
C ALA B 121 -10.89 -53.04 17.83
N LYS B 122 -10.65 -52.30 18.90
CA LYS B 122 -10.82 -52.82 20.25
C LYS B 122 -12.30 -52.81 20.67
N PHE B 123 -12.92 -51.64 20.63
CA PHE B 123 -14.35 -51.52 20.92
C PHE B 123 -15.15 -51.68 19.64
N LYS B 124 -15.80 -52.83 19.50
CA LYS B 124 -16.49 -53.19 18.26
C LYS B 124 -17.79 -52.42 18.06
N GLU B 125 -18.37 -51.92 19.14
CA GLU B 125 -19.65 -51.22 19.06
C GLU B 125 -19.49 -49.78 18.59
N ARG B 126 -18.97 -49.61 17.38
CA ARG B 126 -18.81 -48.31 16.75
C ARG B 126 -18.98 -48.42 15.24
N TRP B 127 -20.08 -49.02 14.81
CA TRP B 127 -20.35 -49.21 13.39
C TRP B 127 -21.75 -48.74 13.03
N GLN B 128 -22.31 -47.88 13.88
CA GLN B 128 -23.65 -47.34 13.65
C GLN B 128 -23.56 -45.83 13.40
N ARG B 129 -22.39 -45.37 13.00
CA ARG B 129 -22.15 -43.95 12.76
C ARG B 129 -21.10 -43.77 11.67
N THR B 130 -20.99 -42.55 11.15
CA THR B 130 -20.02 -42.24 10.09
C THR B 130 -18.59 -42.31 10.61
N PRO B 131 -17.78 -43.20 10.02
CA PRO B 131 -16.38 -43.37 10.43
C PRO B 131 -15.58 -42.08 10.28
N SER B 132 -14.53 -41.92 11.09
CA SER B 132 -13.71 -40.72 11.05
C SER B 132 -12.77 -40.73 9.84
N ASN B 133 -13.35 -40.65 8.65
CA ASN B 133 -12.60 -40.63 7.40
C ASN B 133 -13.41 -40.04 6.25
N GLU B 134 -14.61 -40.58 6.06
CA GLU B 134 -15.51 -40.11 5.03
C GLU B 134 -15.96 -38.67 5.30
N LEU B 135 -16.14 -38.34 6.57
CA LEU B 135 -16.47 -36.98 6.96
C LEU B 135 -15.26 -36.09 6.75
N TYR B 136 -14.08 -36.64 6.97
CA TYR B 136 -12.82 -35.91 6.82
C TYR B 136 -12.25 -36.03 5.41
N LYS B 137 -12.98 -36.69 4.52
CA LYS B 137 -12.51 -36.93 3.16
C LYS B 137 -12.52 -35.68 2.25
N PRO B 138 -13.60 -34.88 2.27
CA PRO B 138 -13.55 -33.67 1.44
C PRO B 138 -12.49 -32.68 1.91
N LEU B 139 -12.18 -32.67 3.20
CA LEU B 139 -11.17 -31.76 3.74
C LEU B 139 -9.78 -32.16 3.29
N ARG B 140 -9.51 -33.46 3.24
CA ARG B 140 -8.23 -33.97 2.78
C ARG B 140 -8.03 -33.67 1.29
N ALA B 141 -9.14 -33.58 0.57
CA ALA B 141 -9.11 -33.25 -0.86
C ALA B 141 -8.59 -31.84 -1.09
N GLU B 142 -8.98 -30.92 -0.21
CA GLU B 142 -8.53 -29.54 -0.30
C GLU B 142 -7.05 -29.44 0.04
N GLY B 143 -6.61 -30.30 0.96
CA GLY B 143 -5.23 -30.31 1.41
C GLY B 143 -4.23 -30.60 0.31
N THR B 144 -4.57 -31.55 -0.55
CA THR B 144 -3.69 -31.93 -1.65
C THR B 144 -3.54 -30.81 -2.68
N ASN B 145 -4.59 -30.02 -2.85
CA ASN B 145 -4.57 -28.89 -3.76
C ASN B 145 -3.55 -27.84 -3.32
N PHE B 146 -3.40 -27.69 -2.01
CA PHE B 146 -2.53 -26.68 -1.44
C PHE B 146 -1.04 -26.97 -1.72
N ARG B 147 -0.65 -28.23 -1.58
CA ARG B 147 0.73 -28.63 -1.85
C ARG B 147 1.09 -28.47 -3.33
N THR B 148 0.12 -28.71 -4.21
CA THR B 148 0.32 -28.53 -5.64
C THR B 148 0.66 -27.08 -5.93
N VAL B 149 0.06 -26.17 -5.17
CA VAL B 149 0.33 -24.75 -5.31
C VAL B 149 1.73 -24.41 -4.82
N LEU B 150 2.13 -25.03 -3.71
CA LEU B 150 3.46 -24.82 -3.15
C LEU B 150 4.56 -25.19 -4.15
N ASP B 151 4.30 -26.23 -4.93
CA ASP B 151 5.23 -26.65 -5.97
C ASP B 151 5.37 -25.57 -7.06
N LYS B 152 4.24 -24.96 -7.42
CA LYS B 152 4.24 -23.87 -8.39
C LYS B 152 4.73 -22.57 -7.76
N ALA B 153 4.48 -22.41 -6.47
CA ALA B 153 4.91 -21.22 -5.74
C ALA B 153 6.43 -21.17 -5.59
N VAL B 154 7.01 -22.31 -5.24
CA VAL B 154 8.47 -22.42 -5.11
C VAL B 154 9.13 -22.33 -6.49
N GLN B 155 8.53 -22.98 -7.48
CA GLN B 155 9.03 -22.95 -8.85
C GLN B 155 9.07 -21.53 -9.39
N ALA B 156 8.04 -20.75 -9.07
CA ALA B 156 7.99 -19.36 -9.47
C ALA B 156 9.00 -18.53 -8.68
N ASP B 157 9.19 -18.90 -7.41
CA ASP B 157 10.14 -18.22 -6.53
C ASP B 157 11.58 -18.46 -6.99
N GLY B 158 11.84 -19.65 -7.51
CA GLY B 158 13.18 -20.02 -7.91
C GLY B 158 13.63 -19.38 -9.22
N GLN B 159 12.76 -19.40 -10.21
CA GLN B 159 13.10 -18.86 -11.54
C GLN B 159 13.24 -17.35 -11.53
N VAL B 160 12.48 -16.68 -10.66
CA VAL B 160 12.52 -15.22 -10.59
C VAL B 160 13.74 -14.71 -9.83
N LYS B 161 14.26 -15.52 -8.91
CA LYS B 161 15.44 -15.16 -8.14
C LYS B 161 16.69 -15.27 -9.01
N GLU B 162 16.70 -16.26 -9.90
CA GLU B 162 17.82 -16.45 -10.83
C GLU B 162 17.90 -15.29 -11.82
N CYS B 163 16.75 -14.85 -12.31
CA CYS B 163 16.70 -13.73 -13.25
C CYS B 163 17.12 -12.44 -12.56
N TYR B 164 16.84 -12.34 -11.26
CA TYR B 164 17.23 -11.18 -10.48
C TYR B 164 18.75 -11.15 -10.28
N GLN B 165 19.31 -12.31 -9.94
CA GLN B 165 20.74 -12.42 -9.67
C GLN B 165 21.58 -12.24 -10.93
N SER B 166 21.05 -12.73 -12.06
CA SER B 166 21.74 -12.63 -13.34
C SER B 166 21.91 -11.18 -13.78
N HIS B 167 20.92 -10.34 -13.44
CA HIS B 167 20.97 -8.93 -13.78
C HIS B 167 21.04 -8.08 -12.51
N ARG B 168 21.71 -8.58 -11.49
CA ARG B 168 21.83 -7.88 -10.22
C ARG B 168 22.83 -6.74 -10.31
N ASP B 169 23.95 -6.98 -10.99
CA ASP B 169 25.00 -5.98 -11.13
C ASP B 169 24.50 -4.74 -11.87
N THR B 170 23.63 -4.95 -12.86
CA THR B 170 23.09 -3.85 -13.65
C THR B 170 22.13 -3.01 -12.82
N ILE B 171 21.41 -3.66 -11.91
CA ILE B 171 20.49 -2.95 -11.02
C ILE B 171 21.26 -2.12 -9.99
N VAL B 172 22.29 -2.74 -9.41
CA VAL B 172 23.13 -2.06 -8.42
C VAL B 172 23.85 -0.87 -9.06
N LEU B 173 24.23 -1.03 -10.32
CA LEU B 173 24.94 0.02 -11.06
C LEU B 173 24.08 1.28 -11.19
N LEU B 174 22.77 1.11 -11.31
CA LEU B 174 21.85 2.24 -11.46
C LEU B 174 21.83 3.13 -10.22
N CYS B 175 21.92 2.50 -9.05
CA CYS B 175 21.92 3.23 -7.79
C CYS B 175 23.31 3.78 -7.42
N LYS B 176 23.87 4.58 -8.32
CA LYS B 176 25.20 5.16 -8.10
C LYS B 176 25.14 6.67 -8.38
N PRO B 177 26.08 7.42 -7.79
CA PRO B 177 26.12 8.88 -8.02
C PRO B 177 26.30 9.21 -9.49
N GLU B 178 26.04 10.45 -9.87
CA GLU B 178 26.12 10.84 -11.28
C GLU B 178 27.55 10.88 -11.84
N PRO B 179 28.52 11.44 -11.08
CA PRO B 179 29.88 11.37 -11.61
C PRO B 179 30.40 9.95 -11.78
N GLU B 180 30.11 9.07 -10.82
CA GLU B 180 30.52 7.67 -10.90
C GLU B 180 29.78 6.93 -12.00
N LEU B 181 28.52 7.28 -12.20
CA LEU B 181 27.71 6.66 -13.26
C LEU B 181 28.22 7.12 -14.61
N ASN B 182 28.66 8.37 -14.68
CA ASN B 182 29.18 8.94 -15.91
C ASN B 182 30.47 8.26 -16.35
N ALA B 183 31.29 7.87 -15.38
CA ALA B 183 32.54 7.17 -15.65
C ALA B 183 32.31 5.80 -16.28
N ALA B 184 31.19 5.17 -15.94
CA ALA B 184 30.84 3.86 -16.48
C ALA B 184 30.50 3.97 -17.96
N ILE B 185 29.89 5.09 -18.33
CA ILE B 185 29.52 5.35 -19.73
C ILE B 185 30.78 5.55 -20.56
N PRO B 186 30.87 4.86 -21.71
CA PRO B 186 32.04 4.92 -22.58
C PRO B 186 32.39 6.35 -23.03
N SER B 187 33.44 6.90 -22.44
CA SER B 187 33.91 8.25 -22.74
C SER B 187 34.68 8.26 -24.05
N ALA B 188 34.00 8.64 -25.12
CA ALA B 188 34.62 8.66 -26.45
C ALA B 188 33.83 9.58 -27.36
N ASN B 189 34.36 9.81 -28.56
CA ASN B 189 33.69 10.63 -29.56
C ASN B 189 32.32 10.04 -29.87
N PRO B 190 31.27 10.88 -29.81
CA PRO B 190 29.88 10.45 -30.00
C PRO B 190 29.76 9.58 -31.23
N ALA B 191 30.26 10.09 -32.35
CA ALA B 191 30.32 9.32 -33.58
C ALA B 191 31.34 9.95 -34.52
N LYS B 192 32.44 9.24 -34.77
CA LYS B 192 33.45 9.74 -35.69
C LYS B 192 32.93 9.63 -37.11
N THR B 193 32.01 8.69 -37.32
CA THR B 193 31.41 8.46 -38.62
C THR B 193 30.22 9.37 -38.92
N GLN B 195 29.91 12.96 -37.04
CA GLN B 195 30.28 14.35 -36.85
C GLN B 195 31.08 14.84 -38.04
N GLY B 196 30.40 15.40 -39.03
CA GLY B 196 31.09 15.91 -40.20
C GLY B 196 30.76 15.15 -41.46
N SER B 197 30.27 13.92 -41.30
CA SER B 197 30.05 13.02 -42.42
C SER B 197 28.78 13.26 -43.22
N GLU B 198 28.73 12.67 -44.41
CA GLU B 198 27.63 12.85 -45.34
C GLU B 198 26.49 11.87 -45.07
N VAL B 199 26.47 11.27 -43.88
CA VAL B 199 25.38 10.38 -43.50
C VAL B 199 24.31 11.26 -42.88
N VAL B 200 24.76 12.24 -42.09
CA VAL B 200 23.89 13.23 -41.48
C VAL B 200 23.30 14.14 -42.55
N ASN B 201 24.13 14.50 -43.53
CA ASN B 201 23.70 15.38 -44.62
C ASN B 201 22.56 14.78 -45.44
N VAL B 202 22.61 13.47 -45.65
CA VAL B 202 21.51 12.78 -46.34
C VAL B 202 20.51 12.33 -45.29
N LEU B 203 19.89 13.30 -44.62
CA LEU B 203 18.94 13.05 -43.55
C LEU B 203 18.20 14.33 -43.22
N LYS B 204 18.96 15.36 -42.87
CA LYS B 204 18.39 16.67 -42.57
C LYS B 204 17.65 17.26 -43.77
N SER B 205 18.25 17.12 -44.96
CA SER B 205 17.65 17.64 -46.18
C SER B 205 16.35 16.92 -46.52
N LEU B 206 16.30 15.63 -46.20
CA LEU B 206 15.12 14.82 -46.45
C LEU B 206 13.97 15.25 -45.54
N LEU B 207 14.29 15.56 -44.29
CA LEU B 207 13.29 15.97 -43.31
C LEU B 207 12.76 17.36 -43.64
N SER B 208 13.64 18.25 -44.06
CA SER B 208 13.25 19.60 -44.41
C SER B 208 12.39 19.60 -45.68
N ASN B 209 12.66 18.64 -46.57
CA ASN B 209 11.86 18.46 -47.76
C ASN B 209 10.49 17.90 -47.37
N LEU B 210 10.51 16.98 -46.40
CA LEU B 210 9.29 16.40 -45.88
C LEU B 210 8.50 17.41 -45.05
N ASP B 211 9.23 18.32 -44.42
CA ASP B 211 8.60 19.35 -43.60
C ASP B 211 7.85 20.36 -44.46
N GLU B 212 8.38 20.64 -45.65
CA GLU B 212 7.71 21.55 -46.58
C GLU B 212 6.40 20.97 -47.10
N VAL B 213 6.29 19.65 -47.09
CA VAL B 213 5.06 18.98 -47.49
C VAL B 213 3.96 19.30 -46.49
N LYS B 214 4.33 19.26 -45.21
CA LYS B 214 3.40 19.58 -44.13
C LYS B 214 2.94 21.03 -44.23
N LYS B 215 3.87 21.93 -44.57
CA LYS B 215 3.57 23.34 -44.69
C LYS B 215 2.72 23.63 -45.93
N GLU B 216 2.95 22.87 -47.00
CA GLU B 216 2.18 23.02 -48.23
C GLU B 216 0.75 22.50 -48.02
N ARG B 217 0.61 21.53 -47.13
CA ARG B 217 -0.69 20.94 -46.83
C ARG B 217 -1.62 21.91 -46.11
N GLU B 218 -1.05 22.90 -45.43
CA GLU B 218 -1.83 23.93 -44.78
C GLU B 218 -2.64 24.70 -45.82
N GLY B 219 -2.01 24.96 -46.96
CA GLY B 219 -2.67 25.60 -48.08
C GLY B 219 -3.64 24.66 -48.76
N LEU B 220 -3.37 23.36 -48.66
CA LEU B 220 -4.21 22.36 -49.29
C LEU B 220 -5.33 21.90 -48.35
N GLU B 221 -5.83 22.82 -47.54
CA GLU B 221 -6.91 22.51 -46.62
C GLU B 221 -7.95 23.62 -46.63
N ASN B 222 -7.48 24.84 -46.40
CA ASN B 222 -8.36 26.01 -46.42
C ASN B 222 -8.93 26.27 -47.80
N ASP B 223 -8.14 25.97 -48.83
CA ASP B 223 -8.58 26.13 -50.20
C ASP B 223 -9.72 25.18 -50.53
N LEU B 224 -9.57 23.93 -50.11
CA LEU B 224 -10.60 22.92 -50.34
C LEU B 224 -11.85 23.22 -49.51
N LYS B 225 -11.64 23.81 -48.34
CA LYS B 225 -12.74 24.15 -47.44
C LYS B 225 -13.53 25.33 -47.98
N SER B 226 -12.82 26.31 -48.52
CA SER B 226 -13.45 27.52 -49.02
C SER B 226 -13.68 27.45 -50.52
N VAL B 227 -14.30 26.37 -50.98
CA VAL B 227 -14.64 26.23 -52.39
C VAL B 227 -16.05 26.73 -52.63
N ASN B 228 -16.18 27.75 -53.48
CA ASN B 228 -17.48 28.34 -53.74
C ASN B 228 -17.55 28.99 -55.12
N PHE B 229 -18.47 28.51 -55.93
CA PHE B 229 -18.68 29.03 -57.27
C PHE B 229 -20.12 28.78 -57.72
N ASP B 230 -20.91 29.85 -57.83
CA ASP B 230 -22.31 29.72 -58.21
C ASP B 230 -22.43 29.30 -59.68
N THR B 232 -24.88 27.90 -61.91
CA THR B 232 -26.30 27.62 -62.05
C THR B 232 -26.77 27.84 -63.50
N SER B 233 -26.18 28.82 -64.16
CA SER B 233 -26.55 29.20 -65.52
C SER B 233 -26.51 28.02 -66.50
N LYS B 234 -25.58 27.10 -66.27
CA LYS B 234 -25.40 25.96 -67.16
C LYS B 234 -26.51 24.92 -67.01
N PHE B 235 -26.97 24.71 -65.78
CA PHE B 235 -28.06 23.79 -65.51
C PHE B 235 -29.32 24.23 -66.26
N LEU B 236 -29.49 25.54 -66.38
CA LEU B 236 -30.64 26.10 -67.08
C LEU B 236 -30.49 25.95 -68.59
N THR B 237 -29.25 26.07 -69.06
CA THR B 237 -28.95 25.92 -70.48
C THR B 237 -29.30 24.53 -70.98
N ALA B 238 -29.02 23.52 -70.15
CA ALA B 238 -29.32 22.14 -70.50
C ALA B 238 -30.82 21.88 -70.53
N LEU B 239 -31.55 22.46 -69.59
CA LEU B 239 -33.00 22.27 -69.52
C LEU B 239 -33.70 22.89 -70.74
N ALA B 240 -33.18 24.03 -71.19
CA ALA B 240 -33.75 24.72 -72.33
C ALA B 240 -33.36 24.04 -73.65
N GLN B 241 -32.06 23.83 -73.83
CA GLN B 241 -31.55 23.24 -75.08
C GLN B 241 -31.95 21.76 -75.22
N ASP B 242 -31.55 20.94 -74.25
CA ASP B 242 -31.83 19.50 -74.32
C ASP B 242 -33.31 19.22 -74.05
N GLY B 243 -33.79 19.66 -72.89
CA GLY B 243 -35.18 19.44 -72.51
C GLY B 243 -35.35 18.89 -71.12
N VAL B 244 -34.44 18.01 -70.71
CA VAL B 244 -34.48 17.43 -69.38
C VAL B 244 -33.13 17.59 -68.68
N ILE B 245 -33.16 17.86 -67.38
CA ILE B 245 -31.93 18.07 -66.62
C ILE B 245 -31.34 16.74 -66.18
N ASN B 246 -30.18 16.40 -66.74
CA ASN B 246 -29.48 15.18 -66.37
C ASN B 246 -28.44 15.46 -65.29
N GLU B 247 -28.78 15.18 -64.04
CA GLU B 247 -27.90 15.48 -62.91
C GLU B 247 -26.69 14.56 -62.90
N GLU B 248 -26.91 13.30 -63.26
CA GLU B 248 -25.86 12.28 -63.18
C GLU B 248 -24.82 12.42 -64.30
N ALA B 249 -25.29 12.43 -65.55
CA ALA B 249 -24.40 12.46 -66.71
C ALA B 249 -23.65 13.79 -66.87
N LEU B 250 -24.37 14.90 -66.70
CA LEU B 250 -23.79 16.23 -66.92
C LEU B 250 -22.78 16.64 -65.84
N SER B 251 -23.02 16.21 -64.60
CA SER B 251 -22.12 16.57 -63.51
C SER B 251 -20.74 15.96 -63.71
N VAL B 252 -20.70 14.73 -64.24
CA VAL B 252 -19.45 14.03 -64.46
C VAL B 252 -18.54 14.78 -65.44
N THR B 253 -19.09 15.19 -66.56
CA THR B 253 -18.34 15.91 -67.58
C THR B 253 -17.89 17.28 -67.10
N GLU B 254 -18.71 17.90 -66.26
CA GLU B 254 -18.45 19.25 -65.77
C GLU B 254 -17.42 19.28 -64.64
N LEU B 255 -17.62 18.44 -63.64
CA LEU B 255 -16.79 18.45 -62.43
C LEU B 255 -15.36 17.96 -62.66
N ASP B 256 -15.20 16.99 -63.55
CA ASP B 256 -13.89 16.40 -63.82
C ASP B 256 -12.92 17.40 -64.46
N ARG B 257 -13.45 18.27 -65.31
CA ARG B 257 -12.63 19.24 -66.02
C ARG B 257 -12.20 20.39 -65.11
N VAL B 258 -13.12 20.85 -64.26
CA VAL B 258 -12.85 21.98 -63.38
C VAL B 258 -12.04 21.62 -62.14
N TYR B 259 -12.19 20.38 -61.68
CA TYR B 259 -11.44 19.90 -60.51
C TYR B 259 -10.41 18.85 -60.90
N GLY B 260 -9.69 19.11 -61.99
CA GLY B 260 -8.70 18.17 -62.46
C GLY B 260 -7.36 18.39 -61.77
N GLY B 261 -7.00 19.65 -61.59
CA GLY B 261 -5.76 20.00 -60.95
C GLY B 261 -5.84 19.86 -59.44
N LEU B 262 -7.04 20.03 -58.90
CA LEU B 262 -7.25 19.91 -57.46
C LEU B 262 -6.94 18.50 -56.98
N THR B 263 -7.34 17.51 -57.77
CA THR B 263 -7.11 16.11 -57.42
C THR B 263 -5.71 15.66 -57.79
N THR B 264 -5.18 16.17 -58.89
CA THR B 264 -3.88 15.76 -59.41
C THR B 264 -2.75 16.12 -58.45
N LYS B 265 -2.73 17.37 -57.99
CA LYS B 265 -1.69 17.83 -57.07
C LYS B 265 -1.75 17.12 -55.73
N VAL B 266 -2.95 16.77 -55.28
CA VAL B 266 -3.11 16.04 -54.03
C VAL B 266 -2.56 14.62 -54.18
N GLN B 267 -2.96 13.93 -55.24
CA GLN B 267 -2.46 12.59 -55.52
C GLN B 267 -0.95 12.63 -55.78
N GLU B 268 -0.49 13.72 -56.37
CA GLU B 268 0.93 13.91 -56.63
C GLU B 268 1.68 14.10 -55.32
N SER B 269 1.05 14.82 -54.38
CA SER B 269 1.64 15.06 -53.07
C SER B 269 1.75 13.75 -52.29
N LEU B 270 0.72 12.91 -52.44
CA LEU B 270 0.73 11.59 -51.81
C LEU B 270 1.75 10.69 -52.49
N LYS B 271 1.86 10.81 -53.81
CA LYS B 271 2.82 10.03 -54.57
C LYS B 271 4.24 10.47 -54.24
N LYS B 272 4.43 11.77 -54.05
CA LYS B 272 5.72 12.31 -53.65
C LYS B 272 6.05 11.88 -52.23
N GLN B 273 5.05 11.92 -51.36
CA GLN B 273 5.22 11.51 -49.96
C GLN B 273 5.54 10.04 -49.87
N GLU B 274 4.89 9.22 -50.70
CA GLU B 274 5.13 7.80 -50.75
C GLU B 274 6.55 7.49 -51.17
N GLY B 275 7.08 8.30 -52.08
CA GLY B 275 8.45 8.13 -52.56
C GLY B 275 9.49 8.58 -51.55
N LEU B 276 9.24 9.70 -50.89
CA LEU B 276 10.16 10.25 -49.91
C LEU B 276 10.30 9.34 -48.69
N LEU B 277 9.15 8.90 -48.16
CA LEU B 277 9.13 8.04 -46.99
C LEU B 277 9.83 6.71 -47.23
N LYS B 278 9.73 6.22 -48.47
CA LYS B 278 10.33 4.94 -48.84
C LYS B 278 11.85 4.98 -48.74
N ASN B 279 12.43 6.11 -49.13
CA ASN B 279 13.88 6.31 -49.04
C ASN B 279 14.33 6.68 -47.62
N ILE B 280 13.45 7.34 -46.88
CA ILE B 280 13.76 7.74 -45.51
C ILE B 280 13.85 6.53 -44.59
N GLN B 281 12.95 5.56 -44.76
CA GLN B 281 12.96 4.34 -43.95
C GLN B 281 14.24 3.54 -44.16
N VAL B 282 14.72 3.52 -45.41
CA VAL B 282 15.96 2.85 -45.76
C VAL B 282 17.15 3.66 -45.22
N SER B 283 16.98 4.98 -45.23
CA SER B 283 18.00 5.89 -44.72
C SER B 283 18.26 5.63 -43.24
N HIS B 284 17.26 5.13 -42.54
CA HIS B 284 17.38 4.77 -41.13
C HIS B 284 18.42 3.67 -40.95
N GLN B 285 18.48 2.75 -41.91
CA GLN B 285 19.50 1.69 -41.89
C GLN B 285 20.89 2.24 -42.15
N GLU B 286 21.00 3.17 -43.10
CA GLU B 286 22.30 3.78 -43.41
C GLU B 286 22.77 4.68 -42.28
N PHE B 287 21.82 5.23 -41.54
CA PHE B 287 22.10 6.10 -40.41
C PHE B 287 22.80 5.25 -39.36
N SER B 288 22.31 4.03 -39.20
CA SER B 288 22.85 3.07 -38.23
C SER B 288 23.73 1.99 -38.89
N LYS B 289 24.33 2.31 -40.03
CA LYS B 289 25.08 1.32 -40.81
C LYS B 289 26.35 0.84 -40.12
N LYS B 291 26.95 -1.73 -38.24
CA LYS B 291 26.58 -1.88 -36.82
C LYS B 291 26.54 -0.51 -36.15
N GLN B 292 27.66 0.21 -36.25
CA GLN B 292 27.70 1.64 -35.99
C GLN B 292 28.80 2.25 -36.85
N SER B 293 30.02 1.73 -36.69
CA SER B 293 31.22 2.14 -37.41
C SER B 293 32.47 1.67 -36.67
N ASN B 294 32.54 2.01 -35.39
CA ASN B 294 33.71 1.70 -34.58
C ASN B 294 33.58 0.41 -33.78
N ASN B 295 34.57 0.17 -32.92
CA ASN B 295 34.61 -1.01 -32.06
C ASN B 295 34.58 -0.57 -30.60
N GLU B 296 34.53 0.74 -30.40
CA GLU B 296 34.53 1.34 -29.07
C GLU B 296 33.28 2.18 -28.89
N ALA B 297 32.87 2.85 -29.97
CA ALA B 297 31.64 3.63 -29.99
C ALA B 297 30.45 2.68 -29.94
N ASN B 298 30.55 1.57 -30.66
CA ASN B 298 29.49 0.57 -30.72
C ASN B 298 29.20 -0.03 -29.34
N LEU B 299 30.20 -0.04 -28.47
CA LEU B 299 30.05 -0.55 -27.10
C LEU B 299 29.05 0.27 -26.30
N ARG B 300 29.02 1.57 -26.57
CA ARG B 300 28.10 2.49 -25.91
C ARG B 300 26.64 2.09 -26.13
N GLU B 301 26.35 1.54 -27.30
CA GLU B 301 25.01 1.07 -27.62
C GLU B 301 24.64 -0.14 -26.79
N GLU B 302 25.59 -1.06 -26.63
CA GLU B 302 25.37 -2.26 -25.82
C GLU B 302 25.25 -1.90 -24.34
N VAL B 303 25.94 -0.84 -23.94
CA VAL B 303 25.88 -0.36 -22.56
C VAL B 303 24.47 0.16 -22.22
N LEU B 304 23.95 1.01 -23.09
CA LEU B 304 22.62 1.58 -22.89
C LEU B 304 21.52 0.53 -23.06
N LYS B 305 21.79 -0.47 -23.90
CA LYS B 305 20.84 -1.55 -24.15
C LYS B 305 20.59 -2.36 -22.89
N ASN B 306 21.63 -2.58 -22.11
CA ASN B 306 21.52 -3.33 -20.86
C ASN B 306 20.78 -2.53 -19.79
N LEU B 307 20.98 -1.22 -19.79
CA LEU B 307 20.30 -0.33 -18.85
C LEU B 307 18.80 -0.32 -19.11
N ALA B 308 18.44 -0.33 -20.38
CA ALA B 308 17.05 -0.37 -20.79
C ALA B 308 16.40 -1.70 -20.44
N THR B 309 17.14 -2.79 -20.61
CA THR B 309 16.61 -4.13 -20.34
C THR B 309 16.74 -4.43 -18.84
N ALA B 310 17.27 -3.47 -18.09
CA ALA B 310 17.36 -3.59 -16.64
C ALA B 310 16.19 -2.85 -16.01
N TYR B 311 15.92 -1.67 -16.54
CA TYR B 311 14.84 -0.83 -16.04
C TYR B 311 13.49 -1.49 -16.29
N ASP B 312 13.30 -2.03 -17.49
CA ASP B 312 12.04 -2.72 -17.83
C ASP B 312 11.88 -4.04 -17.08
N ASN B 313 12.98 -4.76 -16.90
CA ASN B 313 12.96 -6.00 -16.13
C ASN B 313 12.67 -5.72 -14.66
N PHE B 314 13.14 -4.55 -14.20
CA PHE B 314 12.95 -4.13 -12.81
C PHE B 314 11.47 -4.07 -12.44
N VAL B 315 10.65 -3.54 -13.34
CA VAL B 315 9.21 -3.42 -13.10
C VAL B 315 8.56 -4.79 -13.05
N GLU B 316 8.95 -5.66 -13.98
CA GLU B 316 8.41 -7.01 -14.08
C GLU B 316 8.73 -7.83 -12.82
N LEU B 317 9.93 -7.63 -12.30
CA LEU B 317 10.33 -8.31 -11.07
C LEU B 317 9.52 -7.81 -9.88
N VAL B 318 9.27 -6.50 -9.85
CA VAL B 318 8.46 -5.90 -8.79
C VAL B 318 7.00 -6.34 -8.93
N ALA B 319 6.56 -6.53 -10.17
CA ALA B 319 5.18 -6.90 -10.46
C ALA B 319 4.79 -8.25 -9.86
N ASN B 320 5.71 -9.21 -9.91
CA ASN B 320 5.46 -10.53 -9.34
C ASN B 320 5.40 -10.46 -7.81
N LEU B 321 6.16 -9.52 -7.24
CA LEU B 321 6.11 -9.27 -5.81
C LEU B 321 4.78 -8.62 -5.43
N LYS B 322 4.23 -7.83 -6.34
CA LYS B 322 2.94 -7.20 -6.12
C LYS B 322 1.81 -8.23 -6.11
N GLU B 323 1.92 -9.23 -6.98
CA GLU B 323 0.97 -10.34 -6.97
C GLU B 323 1.06 -11.08 -5.64
N GLY B 324 2.29 -11.28 -5.17
CA GLY B 324 2.53 -11.91 -3.88
C GLY B 324 2.37 -10.93 -2.74
N THR B 325 3.14 -11.14 -1.67
CA THR B 325 3.09 -10.31 -0.47
C THR B 325 1.67 -10.15 0.08
N LYS B 326 0.85 -9.36 -0.62
CA LYS B 326 -0.56 -9.21 -0.31
C LYS B 326 -1.27 -10.57 -0.42
N PHE B 327 -0.71 -11.45 -1.24
CA PHE B 327 -1.23 -12.79 -1.44
C PHE B 327 -1.19 -13.59 -0.14
N TYR B 328 -0.11 -13.40 0.62
CA TYR B 328 0.06 -14.11 1.89
C TYR B 328 -0.87 -13.56 2.98
N ASN B 329 -1.12 -12.26 2.93
CA ASN B 329 -1.95 -11.59 3.94
C ASN B 329 -3.42 -12.00 3.89
N GLU B 330 -3.94 -12.19 2.67
CA GLU B 330 -5.33 -12.63 2.52
C GLU B 330 -5.46 -14.12 2.82
N LEU B 331 -4.35 -14.85 2.74
CA LEU B 331 -4.33 -16.26 3.12
C LEU B 331 -4.50 -16.40 4.62
N THR B 332 -4.11 -15.37 5.36
CA THR B 332 -4.22 -15.37 6.81
C THR B 332 -5.68 -15.48 7.23
N GLU B 333 -6.55 -14.77 6.52
CA GLU B 333 -7.98 -14.82 6.80
C GLU B 333 -8.58 -16.16 6.36
N ILE B 334 -7.92 -16.80 5.39
CA ILE B 334 -8.39 -18.08 4.86
C ILE B 334 -7.93 -19.24 5.72
N LEU B 335 -6.64 -19.25 6.07
CA LEU B 335 -6.04 -20.34 6.83
C LEU B 335 -6.65 -20.47 8.24
N VAL B 336 -7.03 -19.33 8.82
CA VAL B 336 -7.64 -19.32 10.14
C VAL B 336 -9.03 -19.96 10.12
N ARG B 337 -9.86 -19.53 9.18
CA ARG B 337 -11.20 -20.07 9.03
C ARG B 337 -11.17 -21.54 8.61
N PHE B 338 -10.15 -21.91 7.85
CA PHE B 338 -9.98 -23.30 7.42
C PHE B 338 -9.55 -24.21 8.57
N GLN B 339 -8.59 -23.73 9.36
CA GLN B 339 -8.04 -24.52 10.46
C GLN B 339 -9.06 -24.75 11.58
N ASN B 340 -9.81 -23.71 11.91
CA ASN B 340 -10.83 -23.80 12.95
C ASN B 340 -12.00 -24.68 12.50
N LYS B 341 -12.25 -24.70 11.19
CA LYS B 341 -13.31 -25.53 10.63
C LYS B 341 -13.04 -27.01 10.90
N CYS B 342 -11.77 -27.38 10.82
CA CYS B 342 -11.36 -28.76 11.09
C CYS B 342 -11.50 -29.06 12.58
N SER B 343 -11.18 -28.08 13.40
CA SER B 343 -11.25 -28.22 14.86
C SER B 343 -12.69 -28.37 15.35
N ASP B 344 -13.62 -27.66 14.70
CA ASP B 344 -15.02 -27.69 15.09
C ASP B 344 -15.67 -29.06 14.89
N ILE B 345 -15.26 -29.77 13.85
CA ILE B 345 -15.80 -31.09 13.56
C ILE B 345 -15.23 -32.14 14.50
N VAL B 346 -13.93 -32.05 14.76
CA VAL B 346 -13.25 -32.98 15.65
C VAL B 346 -13.76 -32.84 17.08
N PHE B 347 -13.94 -31.59 17.52
CA PHE B 347 -14.42 -31.29 18.87
C PHE B 347 -15.83 -31.82 19.10
N ALA B 348 -16.71 -31.63 18.11
CA ALA B 348 -18.10 -32.08 18.21
C ALA B 348 -18.21 -33.59 18.25
N ARG B 349 -17.31 -34.27 17.54
CA ARG B 349 -17.29 -35.74 17.49
C ARG B 349 -16.88 -36.32 18.84
N LYS B 350 -16.01 -35.59 19.54
CA LYS B 350 -15.48 -36.02 20.84
C LYS B 350 -16.49 -35.82 21.97
N THR B 351 -17.42 -34.89 21.77
CA THR B 351 -18.40 -34.54 22.79
C THR B 351 -19.36 -35.68 23.10
N GLU B 352 -19.80 -36.39 22.06
CA GLU B 352 -20.79 -37.44 22.19
C GLU B 352 -20.32 -38.61 23.07
N ARG B 353 -19.33 -39.34 22.59
CA ARG B 353 -18.79 -40.51 23.30
C ARG B 353 -19.86 -41.54 23.66
#